data_3TPL
#
_entry.id   3TPL
#
_cell.length_a   225.100
_cell.length_b   105.170
_cell.length_c   65.140
_cell.angle_alpha   90.000
_cell.angle_beta   102.050
_cell.angle_gamma   90.000
#
_symmetry.space_group_name_H-M   'C 1 2 1'
#
loop_
_entity.id
_entity.type
_entity.pdbx_description
1 polymer 'Beta-secretase 1'
2 non-polymer 'SULFATE ION'
3 non-polymer 'CHLORIDE ION'
4 water water
#
_entity_poly.entity_id   1
_entity_poly.type   'polypeptide(L)'
_entity_poly.pdbx_seq_one_letter_code
;MGSSHHHHHHSAGENLYFQGTLPRETDEEPEEPGRRGSFVEMVDNLRGKSGQGYYVEMTVGSPPQTLNILVDTGSSNFAV
GAAPHPFLHRYYQRQLSSTYRDLRKGVYVPYTQGAWAGELGTDLVSIPHGPNVTVRANIAAITESDKFFINGSNWEGILG
LAYAEIARPDDSLEPFFDSLVKQTHVPNLFSLQLCGAGFPLNQSEVLASVGGSMIIGGIDHSLYTGSLWYTPIRREWYYE
VIIVRVEINGQDLKMDCKEYNYDKSIVDSGTTNLRLPKKVFEAAVKSIKAASSTEKFPDGFWLGEQLVCWQAGTTPWNIF
PVISLYLMGEVTNQSFRITILPQQYLRPVEDVATSQDDCYKFAISQSSTGTVMGAVIMEGFYVVFDRARKRIGFAVSACH
VHDEFRTAAVEGPFVTLDMEDCGYNIPQTDEST
;
_entity_poly.pdbx_strand_id   A,B,C
#
loop_
_chem_comp.id
_chem_comp.type
_chem_comp.name
_chem_comp.formula
CL non-polymer 'CHLORIDE ION' 'Cl -1'
SO4 non-polymer 'SULFATE ION' 'O4 S -2'
#
# COMPACT_ATOMS: atom_id res chain seq x y z
N ARG A 35 12.42 -47.34 7.78
CA ARG A 35 12.85 -48.53 7.05
C ARG A 35 13.08 -48.19 5.57
N ARG A 36 13.90 -49.00 4.91
CA ARG A 36 14.10 -48.83 3.48
C ARG A 36 13.48 -49.97 2.66
N GLY A 37 13.19 -49.65 1.40
CA GLY A 37 12.76 -50.64 0.42
C GLY A 37 11.97 -50.05 -0.73
N SER A 38 10.81 -50.65 -0.95
CA SER A 38 9.95 -50.36 -2.07
C SER A 38 8.55 -50.25 -1.50
N PHE A 39 7.96 -49.07 -1.62
CA PHE A 39 6.67 -48.80 -0.98
C PHE A 39 5.74 -48.53 -2.11
N VAL A 40 5.53 -49.60 -2.86
CA VAL A 40 4.89 -49.56 -4.15
C VAL A 40 3.41 -49.13 -4.06
N GLU A 41 2.76 -49.40 -2.93
CA GLU A 41 1.39 -48.89 -2.76
C GLU A 41 1.35 -47.39 -2.43
N MET A 42 2.45 -46.86 -1.91
CA MET A 42 2.47 -45.46 -1.54
C MET A 42 2.99 -44.55 -2.66
N VAL A 43 3.72 -45.12 -3.60
CA VAL A 43 4.21 -44.32 -4.72
C VAL A 43 3.06 -43.67 -5.49
N ASP A 44 3.19 -42.37 -5.72
CA ASP A 44 2.24 -41.58 -6.51
C ASP A 44 0.88 -41.40 -5.82
N ASN A 45 0.90 -41.36 -4.48
CA ASN A 45 -0.31 -41.13 -3.73
C ASN A 45 -0.68 -39.64 -3.52
N LEU A 46 0.11 -38.73 -4.07
CA LEU A 46 -0.24 -37.31 -3.96
C LEU A 46 -0.77 -36.74 -5.26
N ARG A 47 -1.73 -35.83 -5.15
CA ARG A 47 -2.14 -34.98 -6.27
C ARG A 47 -2.17 -33.54 -5.83
N GLY A 48 -2.01 -32.64 -6.80
CA GLY A 48 -2.11 -31.23 -6.51
C GLY A 48 -2.77 -30.46 -7.65
N LYS A 49 -3.08 -29.21 -7.38
CA LYS A 49 -3.46 -28.28 -8.43
C LYS A 49 -2.51 -27.10 -8.35
N SER A 50 -1.30 -27.33 -8.83
CA SER A 50 -0.41 -26.26 -9.27
C SER A 50 -0.58 -24.94 -8.48
N GLY A 51 0.23 -24.79 -7.43
CA GLY A 51 0.16 -23.62 -6.57
C GLY A 51 -0.97 -23.69 -5.56
N GLN A 52 -1.78 -24.75 -5.63
CA GLN A 52 -2.88 -24.91 -4.69
C GLN A 52 -2.64 -25.98 -3.61
N GLY A 53 -1.45 -26.59 -3.59
CA GLY A 53 -1.11 -27.59 -2.60
C GLY A 53 -1.17 -29.06 -3.04
N TYR A 54 -0.35 -29.89 -2.40
CA TYR A 54 -0.40 -31.31 -2.63
C TYR A 54 -1.24 -31.99 -1.57
N TYR A 55 -2.03 -32.98 -1.98
CA TYR A 55 -2.94 -33.66 -1.07
C TYR A 55 -2.95 -35.19 -1.21
N VAL A 56 -3.33 -35.84 -0.11
CA VAL A 56 -3.38 -37.28 0.00
C VAL A 56 -4.81 -37.63 0.37
N GLU A 57 -5.25 -38.83 0.00
CA GLU A 57 -6.59 -39.27 0.34
C GLU A 57 -6.58 -39.95 1.71
N MET A 58 -7.51 -39.57 2.60
CA MET A 58 -7.60 -40.18 3.92
C MET A 58 -9.07 -40.48 4.21
N THR A 59 -9.33 -41.45 5.08
CA THR A 59 -10.71 -41.73 5.49
C THR A 59 -10.84 -41.53 6.98
N VAL A 60 -11.93 -40.91 7.40
CA VAL A 60 -12.20 -40.81 8.82
C VAL A 60 -13.60 -41.34 9.20
N GLY A 61 -13.73 -41.82 10.44
CA GLY A 61 -15.01 -42.23 10.99
C GLY A 61 -15.45 -43.65 10.65
N SER A 62 -16.59 -44.05 11.21
CA SER A 62 -17.15 -45.38 10.99
C SER A 62 -18.61 -45.23 10.60
N PRO A 63 -18.98 -45.68 9.40
CA PRO A 63 -18.07 -46.17 8.35
C PRO A 63 -17.23 -45.06 7.72
N PRO A 64 -16.20 -45.43 6.94
CA PRO A 64 -15.18 -44.51 6.45
C PRO A 64 -15.73 -43.40 5.58
N GLN A 65 -15.45 -42.16 5.93
CA GLN A 65 -15.72 -41.02 5.05
C GLN A 65 -14.45 -40.64 4.30
N THR A 66 -14.55 -40.41 3.01
CA THR A 66 -13.34 -40.10 2.24
C THR A 66 -13.12 -38.60 2.03
N LEU A 67 -11.87 -38.17 2.16
CA LEU A 67 -11.52 -36.76 2.03
C LEU A 67 -10.09 -36.58 1.54
N ASN A 68 -9.88 -35.51 0.76
CA ASN A 68 -8.57 -35.11 0.31
C ASN A 68 -7.94 -34.14 1.27
N ILE A 69 -6.73 -34.48 1.71
CA ILE A 69 -6.09 -33.75 2.79
C ILE A 69 -4.75 -33.18 2.35
N LEU A 70 -4.62 -31.87 2.50
CA LEU A 70 -3.42 -31.16 2.16
C LEU A 70 -2.28 -31.59 3.07
N VAL A 71 -1.14 -31.96 2.47
CA VAL A 71 0.07 -32.31 3.21
C VAL A 71 0.88 -31.06 3.59
N ASP A 72 0.88 -30.68 4.87
CA ASP A 72 1.49 -29.42 5.33
C ASP A 72 2.56 -29.68 6.41
N THR A 73 3.84 -29.68 6.03
CA THR A 73 4.92 -29.89 7.00
C THR A 73 5.18 -28.62 7.86
N GLY A 74 4.40 -27.58 7.60
CA GLY A 74 4.59 -26.32 8.26
C GLY A 74 3.53 -26.02 9.29
N SER A 75 2.90 -27.06 9.80
CA SER A 75 1.89 -26.89 10.86
C SER A 75 1.66 -28.25 11.49
N SER A 76 0.79 -28.29 12.52
CA SER A 76 0.67 -29.48 13.36
C SER A 76 -0.75 -29.90 13.76
N ASN A 77 -1.75 -29.36 13.09
CA ASN A 77 -3.13 -29.76 13.38
C ASN A 77 -3.71 -30.58 12.24
N PHE A 78 -4.45 -31.61 12.57
CA PHE A 78 -5.22 -32.35 11.58
C PHE A 78 -6.61 -31.75 11.62
N ALA A 79 -7.02 -31.13 10.52
CA ALA A 79 -8.30 -30.47 10.50
C ALA A 79 -9.05 -30.74 9.20
N VAL A 80 -10.36 -30.84 9.30
CA VAL A 80 -11.14 -31.13 8.12
C VAL A 80 -12.42 -30.33 8.19
N GLY A 81 -12.84 -29.84 7.03
CA GLY A 81 -14.13 -29.19 6.91
C GLY A 81 -15.19 -30.14 7.42
N ALA A 82 -16.16 -29.59 8.15
CA ALA A 82 -17.16 -30.41 8.84
C ALA A 82 -18.49 -29.67 8.84
N ALA A 83 -18.75 -29.00 7.72
CA ALA A 83 -19.92 -28.17 7.54
C ALA A 83 -19.86 -27.61 6.11
N PRO A 84 -21.03 -27.49 5.46
CA PRO A 84 -21.08 -26.99 4.07
C PRO A 84 -20.33 -25.67 3.87
N HIS A 85 -19.73 -25.56 2.69
CA HIS A 85 -18.99 -24.37 2.31
C HIS A 85 -18.88 -24.42 0.80
N PRO A 86 -19.07 -23.26 0.16
CA PRO A 86 -19.10 -23.09 -1.29
C PRO A 86 -17.98 -23.83 -2.01
N PHE A 87 -16.77 -23.82 -1.43
CA PHE A 87 -15.63 -24.46 -2.08
C PHE A 87 -15.36 -25.91 -1.64
N LEU A 88 -16.31 -26.53 -0.95
CA LEU A 88 -16.18 -27.94 -0.57
C LEU A 88 -17.15 -28.82 -1.35
N HIS A 89 -16.63 -29.82 -2.07
CA HIS A 89 -17.46 -30.81 -2.74
C HIS A 89 -18.06 -31.77 -1.73
N ARG A 90 -17.30 -32.01 -0.68
CA ARG A 90 -17.69 -32.90 0.40
C ARG A 90 -17.08 -32.42 1.70
N TYR A 91 -17.53 -33.01 2.81
CA TYR A 91 -17.01 -32.66 4.12
C TYR A 91 -17.31 -33.77 5.12
N TYR A 92 -16.70 -33.69 6.29
CA TYR A 92 -16.83 -34.69 7.37
C TYR A 92 -18.15 -34.53 8.13
N GLN A 93 -18.93 -35.60 8.17
CA GLN A 93 -20.19 -35.60 8.91
C GLN A 93 -20.11 -36.38 10.22
N ARG A 94 -19.76 -35.67 11.30
CA ARG A 94 -19.58 -36.26 12.63
C ARG A 94 -20.75 -37.08 13.13
N GLN A 95 -21.96 -36.69 12.76
CA GLN A 95 -23.18 -37.37 13.16
C GLN A 95 -23.33 -38.76 12.52
N LEU A 96 -22.58 -39.04 11.46
CA LEU A 96 -22.69 -40.35 10.79
C LEU A 96 -21.60 -41.28 11.24
N SER A 97 -20.73 -40.82 12.14
CA SER A 97 -19.65 -41.67 12.60
C SER A 97 -19.97 -42.29 13.95
N SER A 98 -20.02 -43.60 13.99
CA SER A 98 -20.22 -44.29 15.25
C SER A 98 -19.00 -44.09 16.16
N THR A 99 -17.83 -43.91 15.57
CA THR A 99 -16.60 -43.83 16.36
C THR A 99 -16.19 -42.40 16.72
N TYR A 100 -17.07 -41.44 16.46
CA TYR A 100 -16.75 -40.06 16.77
C TYR A 100 -16.83 -39.78 18.27
N ARG A 101 -15.96 -38.90 18.76
CA ARG A 101 -16.03 -38.49 20.14
C ARG A 101 -15.74 -36.99 20.22
N ASP A 102 -16.56 -36.27 20.96
CA ASP A 102 -16.42 -34.83 21.12
C ASP A 102 -15.48 -34.48 22.28
N LEU A 103 -14.54 -33.58 22.05
CA LEU A 103 -13.61 -33.18 23.12
C LEU A 103 -14.17 -32.00 23.93
N ARG A 104 -15.36 -31.53 23.52
CA ARG A 104 -16.03 -30.41 24.19
C ARG A 104 -15.04 -29.25 24.33
N LYS A 105 -14.38 -28.93 23.23
CA LYS A 105 -13.40 -27.85 23.21
C LYS A 105 -13.23 -27.29 21.79
N GLY A 106 -13.14 -25.96 21.71
CA GLY A 106 -13.01 -25.30 20.42
C GLY A 106 -11.58 -24.92 20.08
N VAL A 107 -11.35 -24.69 18.80
CA VAL A 107 -10.01 -24.29 18.34
C VAL A 107 -10.10 -23.33 17.16
N TYR A 108 -9.16 -22.41 17.07
CA TYR A 108 -9.06 -21.57 15.88
C TYR A 108 -7.60 -21.47 15.43
N VAL A 109 -7.40 -21.44 14.13
CA VAL A 109 -6.05 -21.29 13.57
C VAL A 109 -5.98 -20.18 12.52
N PRO A 110 -5.00 -19.27 12.66
CA PRO A 110 -4.67 -18.35 11.58
C PRO A 110 -3.43 -18.85 10.83
N TYR A 111 -3.45 -18.76 9.49
CA TYR A 111 -2.30 -19.20 8.71
C TYR A 111 -1.61 -18.01 8.11
N THR A 112 -0.42 -18.26 7.55
CA THR A 112 0.29 -17.25 6.79
C THR A 112 -0.67 -16.72 5.71
N GLN A 113 -1.50 -17.62 5.17
CA GLN A 113 -2.57 -17.19 4.27
C GLN A 113 -3.94 -16.89 4.97
N GLY A 114 -4.72 -17.92 5.30
CA GLY A 114 -6.07 -17.72 5.83
C GLY A 114 -6.37 -18.21 7.25
N ALA A 115 -7.67 -18.23 7.62
CA ALA A 115 -8.10 -18.64 8.97
C ALA A 115 -9.32 -19.57 8.99
N TRP A 116 -9.31 -20.51 9.96
CA TRP A 116 -10.47 -21.38 10.25
C TRP A 116 -10.71 -21.54 11.76
N ALA A 117 -11.95 -21.84 12.11
CA ALA A 117 -12.30 -22.12 13.49
C ALA A 117 -13.07 -23.42 13.51
N GLY A 118 -12.96 -24.16 14.61
CA GLY A 118 -13.67 -25.41 14.72
C GLY A 118 -13.83 -25.98 16.12
N GLU A 119 -14.24 -27.25 16.15
CA GLU A 119 -14.47 -28.01 17.37
C GLU A 119 -13.55 -29.25 17.38
N LEU A 120 -12.84 -29.47 18.48
CA LEU A 120 -11.98 -30.64 18.63
C LEU A 120 -12.77 -31.90 18.97
N GLY A 121 -12.24 -33.03 18.53
CA GLY A 121 -12.82 -34.33 18.77
C GLY A 121 -11.78 -35.34 18.38
N THR A 122 -12.17 -36.61 18.39
CA THR A 122 -11.32 -37.69 17.90
C THR A 122 -12.16 -38.64 17.08
N ASP A 123 -11.48 -39.43 16.24
CA ASP A 123 -12.15 -40.45 15.47
C ASP A 123 -11.08 -41.35 14.89
N LEU A 124 -11.52 -42.47 14.30
CA LEU A 124 -10.63 -43.37 13.59
C LEU A 124 -10.19 -42.79 12.24
N VAL A 125 -8.92 -42.94 11.92
CA VAL A 125 -8.43 -42.39 10.66
C VAL A 125 -7.62 -43.44 9.87
N SER A 126 -7.89 -43.54 8.58
CA SER A 126 -7.02 -44.35 7.73
C SER A 126 -6.46 -43.58 6.54
N ILE A 127 -5.42 -44.15 5.95
CA ILE A 127 -4.86 -43.63 4.70
C ILE A 127 -4.82 -44.75 3.68
N PRO A 128 -5.82 -44.78 2.78
CA PRO A 128 -6.00 -45.87 1.81
C PRO A 128 -4.68 -46.22 1.08
N HIS A 129 -4.03 -45.24 0.46
CA HIS A 129 -2.76 -45.50 -0.23
C HIS A 129 -1.58 -45.18 0.67
N GLY A 130 -1.60 -45.78 1.85
CA GLY A 130 -0.59 -45.55 2.85
C GLY A 130 -0.34 -46.84 3.57
N PRO A 131 0.14 -46.77 4.80
CA PRO A 131 0.31 -47.97 5.62
C PRO A 131 -1.06 -48.57 5.89
N ASN A 132 -1.10 -49.89 6.02
CA ASN A 132 -2.36 -50.56 6.24
C ASN A 132 -2.72 -50.57 7.72
N VAL A 133 -2.97 -49.39 8.27
CA VAL A 133 -3.29 -49.25 9.67
C VAL A 133 -4.43 -48.29 9.85
N THR A 134 -4.99 -48.27 11.04
CA THR A 134 -6.07 -47.35 11.38
C THR A 134 -5.79 -46.87 12.79
N VAL A 135 -5.77 -45.55 12.98
CA VAL A 135 -5.41 -45.01 14.28
C VAL A 135 -6.49 -44.07 14.80
N ARG A 136 -6.54 -43.90 16.12
CA ARG A 136 -7.41 -42.86 16.67
C ARG A 136 -6.63 -41.57 16.79
N ALA A 137 -7.09 -40.52 16.09
CA ALA A 137 -6.43 -39.23 16.13
C ALA A 137 -7.33 -38.09 16.55
N ASN A 138 -6.73 -37.01 17.03
CA ASN A 138 -7.43 -35.75 17.22
C ASN A 138 -7.83 -35.14 15.88
N ILE A 139 -9.01 -34.53 15.84
CA ILE A 139 -9.51 -33.96 14.61
C ILE A 139 -10.21 -32.67 14.94
N ALA A 140 -9.78 -31.59 14.30
CA ALA A 140 -10.53 -30.36 14.36
C ALA A 140 -11.58 -30.40 13.26
N ALA A 141 -12.84 -30.28 13.66
CA ALA A 141 -13.97 -30.17 12.74
C ALA A 141 -14.17 -28.72 12.38
N ILE A 142 -13.77 -28.36 11.16
CA ILE A 142 -13.82 -26.96 10.73
C ILE A 142 -15.24 -26.54 10.41
N THR A 143 -15.75 -25.55 11.15
CA THR A 143 -17.15 -25.13 10.99
C THR A 143 -17.31 -23.69 10.45
N GLU A 144 -16.23 -22.90 10.52
CA GLU A 144 -16.17 -21.54 10.00
C GLU A 144 -14.76 -21.27 9.43
N SER A 145 -14.66 -20.37 8.46
CA SER A 145 -13.37 -20.05 7.86
C SER A 145 -13.41 -18.87 6.90
N ASP A 146 -12.25 -18.24 6.70
CA ASP A 146 -12.12 -17.14 5.77
C ASP A 146 -10.80 -17.25 5.02
N LYS A 147 -10.89 -17.29 3.69
CA LYS A 147 -9.71 -17.39 2.84
C LYS A 147 -8.84 -18.60 3.18
N PHE A 148 -9.46 -19.73 3.49
CA PHE A 148 -8.70 -20.93 3.79
C PHE A 148 -8.89 -21.97 2.67
N PHE A 149 -10.13 -22.41 2.46
CA PHE A 149 -10.45 -23.30 1.35
C PHE A 149 -10.32 -22.62 0.01
N ILE A 150 -9.35 -23.07 -0.76
CA ILE A 150 -9.12 -22.61 -2.13
C ILE A 150 -10.12 -23.18 -3.14
N ASN A 151 -10.84 -22.31 -3.82
CA ASN A 151 -11.80 -22.71 -4.83
C ASN A 151 -11.18 -23.57 -5.93
N GLY A 152 -11.67 -24.81 -6.07
CA GLY A 152 -11.15 -25.73 -7.09
C GLY A 152 -9.83 -26.43 -6.75
N SER A 153 -9.41 -26.35 -5.49
CA SER A 153 -8.17 -27.03 -5.08
C SER A 153 -8.43 -28.53 -4.99
N ASN A 154 -9.67 -28.89 -4.71
CA ASN A 154 -10.06 -30.29 -4.53
C ASN A 154 -9.59 -30.93 -3.21
N TRP A 155 -9.00 -30.15 -2.33
CA TRP A 155 -8.75 -30.65 -0.98
C TRP A 155 -9.71 -30.08 0.06
N GLU A 156 -10.01 -30.85 1.09
CA GLU A 156 -11.05 -30.50 2.05
C GLU A 156 -10.56 -30.36 3.47
N GLY A 157 -9.25 -30.52 3.67
CA GLY A 157 -8.73 -30.52 5.02
C GLY A 157 -7.23 -30.41 4.98
N ILE A 158 -6.63 -30.45 6.15
CA ILE A 158 -5.19 -30.25 6.26
C ILE A 158 -4.57 -31.22 7.27
N LEU A 159 -3.47 -31.86 6.88
CA LEU A 159 -2.71 -32.72 7.76
C LEU A 159 -1.43 -32.01 8.15
N GLY A 160 -1.38 -31.42 9.34
CA GLY A 160 -0.17 -30.78 9.80
C GLY A 160 0.82 -31.81 10.30
N LEU A 161 1.98 -31.90 9.66
CA LEU A 161 2.94 -32.95 9.98
C LEU A 161 4.10 -32.51 10.87
N ALA A 162 4.09 -31.25 11.31
CA ALA A 162 5.12 -30.76 12.22
C ALA A 162 4.93 -31.23 13.66
N TYR A 163 5.66 -30.62 14.58
CA TYR A 163 5.69 -31.11 15.96
C TYR A 163 4.66 -30.45 16.85
N ALA A 164 4.28 -31.13 17.93
CA ALA A 164 3.24 -30.64 18.84
C ALA A 164 3.46 -29.24 19.42
N GLU A 165 4.70 -28.79 19.47
CA GLU A 165 4.97 -27.47 20.02
C GLU A 165 4.22 -26.35 19.32
N ILE A 166 3.93 -26.49 18.04
CA ILE A 166 3.17 -25.46 17.35
C ILE A 166 1.71 -25.84 17.06
N ALA A 167 1.23 -26.88 17.74
CA ALA A 167 -0.19 -27.23 17.69
C ALA A 167 -1.10 -26.24 18.46
N ARG A 168 -2.22 -25.86 17.85
CA ARG A 168 -3.29 -25.10 18.50
C ARG A 168 -4.33 -26.08 19.07
N PRO A 169 -4.94 -25.75 20.22
CA PRO A 169 -4.79 -24.62 21.15
C PRO A 169 -3.43 -24.63 21.81
N ASP A 170 -2.93 -25.81 22.15
CA ASP A 170 -1.60 -25.88 22.75
C ASP A 170 -0.91 -27.19 22.43
N ASP A 171 0.24 -27.40 23.04
CA ASP A 171 1.07 -28.54 22.71
C ASP A 171 0.58 -29.84 23.31
N SER A 172 -0.54 -29.80 24.01
CA SER A 172 -1.06 -31.06 24.57
C SER A 172 -1.95 -31.85 23.59
N LEU A 173 -2.36 -31.20 22.49
CA LEU A 173 -3.08 -31.86 21.40
C LEU A 173 -2.11 -32.64 20.54
N GLU A 174 -2.02 -33.95 20.75
CA GLU A 174 -1.12 -34.82 19.98
C GLU A 174 -1.38 -34.68 18.48
N PRO A 175 -0.35 -34.29 17.71
CA PRO A 175 -0.48 -34.25 16.25
C PRO A 175 -0.65 -35.64 15.66
N PHE A 176 -1.19 -35.70 14.45
CA PHE A 176 -1.52 -36.97 13.82
C PHE A 176 -0.39 -37.98 13.72
N PHE A 177 0.77 -37.55 13.24
CA PHE A 177 1.85 -38.48 12.97
C PHE A 177 2.39 -39.13 14.26
N ASP A 178 2.53 -38.31 15.31
CA ASP A 178 2.79 -38.79 16.67
C ASP A 178 1.86 -39.93 17.06
N SER A 179 0.57 -39.75 16.86
CA SER A 179 -0.42 -40.79 17.19
C SER A 179 -0.19 -42.03 16.34
N LEU A 180 0.02 -41.84 15.05
CA LEU A 180 0.30 -42.96 14.18
C LEU A 180 1.54 -43.75 14.65
N VAL A 181 2.56 -43.07 15.14
CA VAL A 181 3.76 -43.78 15.55
C VAL A 181 3.57 -44.53 16.87
N LYS A 182 2.87 -43.90 17.80
CA LYS A 182 2.59 -44.52 19.08
C LYS A 182 1.58 -45.69 19.00
N GLN A 183 0.74 -45.74 17.96
CA GLN A 183 -0.31 -46.75 17.97
C GLN A 183 -0.05 -47.90 17.04
N THR A 184 1.05 -47.87 16.33
CA THR A 184 1.31 -48.89 15.33
C THR A 184 2.81 -49.09 15.31
N HIS A 185 3.27 -49.92 14.38
CA HIS A 185 4.70 -50.12 14.24
C HIS A 185 5.31 -49.37 13.02
N VAL A 186 4.53 -48.48 12.41
CA VAL A 186 5.09 -47.57 11.42
C VAL A 186 6.25 -46.80 12.04
N PRO A 187 7.43 -46.87 11.41
CA PRO A 187 8.64 -46.19 11.88
C PRO A 187 8.48 -44.67 11.90
N ASN A 188 9.16 -44.03 12.84
CA ASN A 188 9.06 -42.57 13.03
C ASN A 188 9.75 -41.75 11.92
N LEU A 189 9.12 -41.67 10.76
CA LEU A 189 9.78 -41.15 9.57
C LEU A 189 8.82 -41.14 8.39
N PHE A 190 8.87 -40.09 7.57
CA PHE A 190 8.13 -40.03 6.31
C PHE A 190 8.93 -39.27 5.28
N SER A 191 8.59 -39.44 4.01
CA SER A 191 9.38 -38.79 2.99
C SER A 191 8.46 -38.25 1.91
N LEU A 192 8.91 -37.21 1.22
CA LEU A 192 8.08 -36.48 0.27
C LEU A 192 8.82 -36.24 -1.04
N GLN A 193 8.21 -36.68 -2.14
CA GLN A 193 8.65 -36.31 -3.46
C GLN A 193 7.51 -35.60 -4.15
N LEU A 194 7.60 -34.28 -4.18
CA LEU A 194 6.62 -33.47 -4.90
C LEU A 194 7.08 -33.21 -6.33
N CYS A 195 6.23 -33.53 -7.30
CA CYS A 195 6.61 -33.30 -8.68
C CYS A 195 5.86 -32.12 -9.25
N GLY A 196 6.59 -31.10 -9.67
CA GLY A 196 5.96 -29.98 -10.35
C GLY A 196 5.42 -30.38 -11.72
N ALA A 197 5.21 -29.38 -12.58
CA ALA A 197 4.84 -29.64 -13.97
C ALA A 197 5.07 -28.40 -14.85
N VAL A 210 -0.18 -31.60 -11.06
CA VAL A 210 0.78 -31.89 -10.00
C VAL A 210 0.51 -33.24 -9.31
N GLY A 211 1.58 -34.02 -9.13
CA GLY A 211 1.50 -35.26 -8.35
C GLY A 211 2.74 -35.47 -7.49
N GLY A 212 2.80 -36.61 -6.82
CA GLY A 212 3.95 -36.90 -5.99
C GLY A 212 3.71 -38.07 -5.07
N SER A 213 4.61 -38.24 -4.11
CA SER A 213 4.63 -39.41 -3.27
C SER A 213 4.90 -39.05 -1.83
N MET A 214 3.96 -39.43 -0.96
CA MET A 214 4.20 -39.36 0.47
C MET A 214 4.47 -40.77 1.02
N ILE A 215 5.74 -41.07 1.30
CA ILE A 215 6.07 -42.39 1.77
C ILE A 215 6.06 -42.38 3.27
N ILE A 216 5.04 -43.00 3.84
CA ILE A 216 4.90 -43.01 5.27
C ILE A 216 5.62 -44.19 5.91
N GLY A 217 6.59 -43.87 6.77
CA GLY A 217 7.30 -44.90 7.52
C GLY A 217 8.57 -45.41 6.86
N GLY A 218 8.90 -44.89 5.68
CA GLY A 218 10.04 -45.43 4.97
C GLY A 218 10.66 -44.54 3.90
N ILE A 219 11.65 -45.10 3.22
CA ILE A 219 12.43 -44.37 2.23
C ILE A 219 12.41 -45.19 0.94
N ASP A 220 11.79 -44.66 -0.12
CA ASP A 220 11.70 -45.41 -1.37
C ASP A 220 12.80 -45.00 -2.34
N HIS A 221 13.67 -45.96 -2.63
CA HIS A 221 14.90 -45.76 -3.39
C HIS A 221 14.66 -45.42 -4.86
N SER A 222 13.47 -45.72 -5.37
CA SER A 222 13.15 -45.41 -6.75
C SER A 222 12.76 -43.95 -6.94
N LEU A 223 12.64 -43.23 -5.84
CA LEU A 223 12.24 -41.83 -5.90
C LEU A 223 13.43 -40.87 -6.03
N TYR A 224 14.65 -41.38 -5.85
CA TYR A 224 15.83 -40.53 -5.97
C TYR A 224 17.03 -41.19 -6.66
N THR A 225 17.90 -40.34 -7.19
CA THR A 225 19.18 -40.75 -7.75
C THR A 225 20.25 -40.14 -6.87
N GLY A 226 21.48 -40.62 -7.01
CA GLY A 226 22.57 -40.19 -6.16
C GLY A 226 22.39 -40.60 -4.70
N SER A 227 23.01 -39.86 -3.79
CA SER A 227 22.88 -40.23 -2.40
C SER A 227 22.20 -39.14 -1.60
N LEU A 228 21.76 -39.52 -0.40
CA LEU A 228 21.02 -38.65 0.52
C LEU A 228 21.94 -37.91 1.49
N TRP A 229 21.79 -36.60 1.54
CA TRP A 229 22.53 -35.77 2.49
C TRP A 229 21.63 -35.26 3.61
N TYR A 230 22.10 -35.37 4.84
CA TYR A 230 21.28 -34.97 5.97
C TYR A 230 21.72 -33.70 6.66
N THR A 231 20.72 -32.89 7.03
CA THR A 231 20.92 -31.71 7.84
C THR A 231 20.19 -31.91 9.17
N PRO A 232 20.80 -31.47 10.27
CA PRO A 232 20.14 -31.68 11.58
C PRO A 232 18.87 -30.86 11.65
N ILE A 233 17.85 -31.36 12.33
CA ILE A 233 16.67 -30.57 12.65
C ILE A 233 17.04 -29.78 13.91
N ARG A 234 17.09 -28.45 13.81
CA ARG A 234 17.60 -27.62 14.91
C ARG A 234 16.76 -27.73 16.18
N ARG A 235 15.45 -27.72 16.01
CA ARG A 235 14.53 -27.89 17.13
C ARG A 235 13.20 -28.46 16.65
N GLU A 236 12.68 -29.47 17.34
CA GLU A 236 11.39 -30.03 16.98
C GLU A 236 10.23 -29.08 17.31
N TRP A 237 9.95 -28.17 16.39
CA TRP A 237 8.71 -27.41 16.43
C TRP A 237 8.19 -27.32 14.99
N TYR A 238 8.71 -26.37 14.24
CA TYR A 238 8.69 -26.47 12.80
C TYR A 238 9.83 -27.41 12.45
N TYR A 239 9.99 -27.74 11.17
CA TYR A 239 11.16 -28.48 10.73
C TYR A 239 12.25 -27.47 10.48
N GLU A 240 12.93 -27.08 11.56
CA GLU A 240 13.91 -26.00 11.47
C GLU A 240 15.24 -26.54 11.00
N VAL A 241 15.83 -25.86 10.02
CA VAL A 241 17.18 -26.18 9.54
C VAL A 241 18.05 -24.92 9.51
N ILE A 242 19.34 -25.12 9.25
CA ILE A 242 20.28 -24.00 9.13
C ILE A 242 21.00 -23.90 7.78
N ILE A 243 20.71 -22.81 7.07
CA ILE A 243 21.44 -22.43 5.87
C ILE A 243 22.75 -21.70 6.21
N VAL A 244 23.85 -22.08 5.58
CA VAL A 244 25.15 -21.47 5.91
C VAL A 244 25.79 -20.71 4.76
N ARG A 245 25.16 -20.73 3.59
CA ARG A 245 25.73 -20.06 2.42
C ARG A 245 24.74 -20.12 1.27
N VAL A 246 24.67 -19.05 0.49
CA VAL A 246 23.75 -19.00 -0.63
C VAL A 246 24.55 -18.60 -1.87
N GLU A 247 24.20 -19.12 -3.03
CA GLU A 247 24.93 -18.86 -4.27
C GLU A 247 23.98 -18.66 -5.44
N ILE A 248 24.31 -17.70 -6.30
CA ILE A 248 23.58 -17.56 -7.54
C ILE A 248 24.55 -17.88 -8.69
N ASN A 249 24.24 -18.92 -9.47
CA ASN A 249 25.13 -19.44 -10.51
C ASN A 249 26.56 -19.55 -10.01
N GLY A 250 26.74 -20.19 -8.85
CA GLY A 250 28.07 -20.35 -8.28
C GLY A 250 28.61 -19.14 -7.53
N GLN A 251 28.01 -17.98 -7.77
CA GLN A 251 28.47 -16.76 -7.12
C GLN A 251 27.84 -16.52 -5.76
N ASP A 252 28.69 -16.48 -4.73
CA ASP A 252 28.29 -16.28 -3.35
C ASP A 252 27.60 -14.93 -3.13
N LEU A 253 26.47 -14.94 -2.43
CA LEU A 253 25.77 -13.72 -2.07
C LEU A 253 26.57 -12.97 -1.01
N LYS A 254 27.38 -13.71 -0.24
CA LYS A 254 28.31 -13.08 0.67
C LYS A 254 27.61 -12.22 1.71
N MET A 255 26.85 -12.86 2.59
CA MET A 255 26.26 -12.18 3.74
C MET A 255 26.62 -12.94 5.00
N ASP A 256 26.61 -12.26 6.14
CA ASP A 256 26.72 -12.95 7.42
C ASP A 256 25.66 -14.06 7.38
N CYS A 257 26.06 -15.29 7.69
CA CYS A 257 25.13 -16.40 7.55
C CYS A 257 23.97 -16.33 8.56
N LYS A 258 24.04 -15.43 9.53
CA LYS A 258 22.92 -15.20 10.46
C LYS A 258 21.72 -14.57 9.74
N GLU A 259 22.03 -13.71 8.78
CA GLU A 259 21.02 -13.11 7.94
C GLU A 259 20.10 -14.14 7.26
N TYR A 260 20.67 -15.28 6.89
CA TYR A 260 19.95 -16.32 6.15
C TYR A 260 18.91 -17.07 7.00
N ASN A 261 19.09 -17.09 8.32
CA ASN A 261 18.20 -17.83 9.18
C ASN A 261 17.52 -16.95 10.22
N TYR A 262 17.18 -15.73 9.85
CA TYR A 262 16.60 -14.81 10.79
C TYR A 262 15.12 -14.61 10.49
N ASP A 263 14.26 -15.06 11.40
CA ASP A 263 14.63 -15.65 12.70
C ASP A 263 14.57 -17.18 12.72
N LYS A 264 14.27 -17.78 11.56
CA LYS A 264 14.30 -19.23 11.44
C LYS A 264 14.30 -19.62 9.97
N SER A 265 14.75 -20.84 9.69
CA SER A 265 14.64 -21.37 8.35
C SER A 265 13.87 -22.68 8.43
N ILE A 266 12.85 -22.84 7.61
CA ILE A 266 12.03 -24.05 7.72
C ILE A 266 11.74 -24.76 6.39
N VAL A 267 11.41 -26.03 6.47
CA VAL A 267 10.95 -26.78 5.32
C VAL A 267 9.44 -26.94 5.39
N ASP A 268 8.74 -26.38 4.41
CA ASP A 268 7.29 -26.24 4.50
C ASP A 268 6.54 -26.50 3.21
N SER A 269 6.03 -27.72 3.10
CA SER A 269 5.33 -28.20 1.91
C SER A 269 3.97 -27.56 1.73
N GLY A 270 3.55 -26.76 2.71
CA GLY A 270 2.30 -26.06 2.65
C GLY A 270 2.46 -24.67 2.06
N THR A 271 3.69 -24.27 1.83
CA THR A 271 3.98 -23.00 1.19
C THR A 271 4.51 -23.20 -0.23
N THR A 272 3.93 -22.49 -1.19
CA THR A 272 4.42 -22.54 -2.57
C THR A 272 5.88 -22.06 -2.69
N ASN A 273 6.13 -20.81 -2.32
CA ASN A 273 7.39 -20.18 -2.68
C ASN A 273 8.64 -20.53 -1.89
N LEU A 274 9.77 -20.11 -2.43
CA LEU A 274 10.95 -19.95 -1.63
C LEU A 274 10.77 -18.54 -1.04
N ARG A 275 10.83 -18.42 0.27
CA ARG A 275 10.64 -17.13 0.92
C ARG A 275 11.91 -16.81 1.68
N LEU A 276 12.41 -15.60 1.47
CA LEU A 276 13.65 -15.18 2.11
C LEU A 276 13.46 -13.90 2.92
N PRO A 277 14.18 -13.79 4.04
CA PRO A 277 14.22 -12.55 4.81
C PRO A 277 14.46 -11.37 3.88
N LYS A 278 13.91 -10.18 4.18
CA LYS A 278 13.92 -9.07 3.22
C LYS A 278 15.33 -8.76 2.67
N LYS A 279 16.31 -8.75 3.59
CA LYS A 279 17.70 -8.44 3.25
C LYS A 279 18.29 -9.48 2.28
N VAL A 280 18.14 -10.76 2.61
CA VAL A 280 18.62 -11.82 1.75
C VAL A 280 17.88 -11.77 0.42
N PHE A 281 16.58 -11.54 0.49
CA PHE A 281 15.77 -11.46 -0.71
C PHE A 281 16.23 -10.36 -1.68
N GLU A 282 16.53 -9.17 -1.16
CA GLU A 282 16.91 -8.06 -2.02
C GLU A 282 18.22 -8.38 -2.75
N ALA A 283 19.24 -8.80 -1.98
CA ALA A 283 20.54 -9.21 -2.53
C ALA A 283 20.41 -10.27 -3.64
N ALA A 284 19.62 -11.30 -3.37
CA ALA A 284 19.40 -12.40 -4.30
C ALA A 284 18.76 -11.96 -5.59
N VAL A 285 17.77 -11.07 -5.52
CA VAL A 285 17.06 -10.66 -6.72
C VAL A 285 17.97 -9.75 -7.55
N LYS A 286 18.83 -9.00 -6.86
CA LYS A 286 19.80 -8.15 -7.52
C LYS A 286 20.70 -9.09 -8.32
N SER A 287 21.29 -10.06 -7.62
CA SER A 287 22.16 -11.05 -8.23
C SER A 287 21.52 -11.81 -9.38
N ILE A 288 20.25 -12.18 -9.22
CA ILE A 288 19.55 -12.94 -10.24
C ILE A 288 19.19 -12.08 -11.44
N LYS A 289 18.95 -10.79 -11.20
CA LYS A 289 18.70 -9.86 -12.30
C LYS A 289 19.97 -9.71 -13.14
N ALA A 290 21.09 -9.51 -12.45
CA ALA A 290 22.38 -9.39 -13.11
C ALA A 290 22.61 -10.60 -14.03
N ALA A 291 22.32 -11.79 -13.52
CA ALA A 291 22.59 -13.00 -14.27
C ALA A 291 21.64 -13.26 -15.44
N SER A 292 20.52 -12.56 -15.50
CA SER A 292 19.60 -12.80 -16.60
C SER A 292 19.36 -11.56 -17.44
N SER A 293 20.26 -10.59 -17.31
CA SER A 293 20.21 -9.31 -18.05
C SER A 293 19.98 -9.40 -19.57
N THR A 294 20.44 -10.46 -20.23
CA THR A 294 20.20 -10.55 -21.67
C THR A 294 18.73 -10.42 -22.06
N GLU A 295 17.85 -10.46 -21.06
CA GLU A 295 16.46 -10.07 -21.24
C GLU A 295 16.03 -9.24 -20.04
N LYS A 296 15.27 -8.18 -20.28
CA LYS A 296 14.78 -7.31 -19.21
C LYS A 296 13.32 -7.63 -18.89
N PHE A 297 12.95 -7.40 -17.64
CA PHE A 297 11.62 -7.75 -17.16
C PHE A 297 11.04 -6.60 -16.33
N PRO A 298 9.70 -6.41 -16.42
CA PRO A 298 9.01 -5.41 -15.60
C PRO A 298 9.40 -5.55 -14.13
N ASP A 299 9.70 -4.42 -13.48
CA ASP A 299 10.11 -4.45 -12.07
C ASP A 299 9.16 -5.27 -11.21
N GLY A 300 7.90 -5.38 -11.65
CA GLY A 300 6.87 -6.10 -10.93
C GLY A 300 6.77 -7.58 -11.27
N PHE A 301 7.65 -8.05 -12.13
CA PHE A 301 7.79 -9.49 -12.33
C PHE A 301 8.59 -10.05 -11.13
N TRP A 302 9.58 -9.29 -10.71
CA TRP A 302 10.44 -9.74 -9.63
C TRP A 302 9.71 -9.68 -8.28
N LEU A 303 8.51 -9.12 -8.31
CA LEU A 303 7.73 -8.96 -7.08
C LEU A 303 6.52 -9.89 -7.06
N GLY A 304 6.35 -10.64 -8.14
CA GLY A 304 5.30 -11.66 -8.21
C GLY A 304 4.03 -11.10 -8.81
N GLU A 305 4.03 -9.78 -9.02
CA GLU A 305 2.86 -9.05 -9.45
C GLU A 305 2.56 -9.16 -10.94
N GLN A 306 3.50 -9.65 -11.74
CA GLN A 306 3.21 -9.79 -13.17
C GLN A 306 3.73 -11.12 -13.72
N LEU A 307 3.04 -11.66 -14.71
CA LEU A 307 3.52 -12.84 -15.41
C LEU A 307 4.65 -12.47 -16.38
N VAL A 308 5.19 -13.47 -17.06
CA VAL A 308 6.08 -13.30 -18.22
C VAL A 308 5.88 -14.48 -19.14
N CYS A 309 5.93 -14.24 -20.45
CA CYS A 309 5.56 -15.26 -21.42
C CYS A 309 6.50 -15.40 -22.60
N TRP A 310 6.47 -16.58 -23.21
CA TRP A 310 7.26 -16.88 -24.40
C TRP A 310 6.41 -17.80 -25.25
N GLN A 311 6.62 -17.75 -26.57
CA GLN A 311 5.93 -18.67 -27.46
C GLN A 311 6.10 -20.08 -26.89
N ALA A 312 5.14 -20.95 -27.16
CA ALA A 312 5.15 -22.28 -26.59
C ALA A 312 6.46 -23.01 -26.84
N GLY A 313 7.09 -23.48 -25.77
CA GLY A 313 8.23 -24.35 -25.85
C GLY A 313 9.56 -23.67 -26.14
N THR A 314 9.63 -22.36 -25.92
CA THR A 314 10.86 -21.61 -26.19
C THR A 314 11.37 -20.86 -24.97
N THR A 315 10.88 -21.20 -23.79
CA THR A 315 11.42 -20.58 -22.59
C THR A 315 12.94 -20.64 -22.61
N PRO A 316 13.60 -19.47 -22.52
CA PRO A 316 15.05 -19.40 -22.46
C PRO A 316 15.56 -19.76 -21.06
N TRP A 317 15.36 -21.00 -20.65
CA TRP A 317 15.82 -21.47 -19.33
C TRP A 317 17.28 -21.13 -19.02
N ASN A 318 18.15 -21.30 -20.00
CA ASN A 318 19.59 -21.15 -19.80
CA ASN A 318 19.58 -21.15 -19.78
C ASN A 318 20.03 -19.76 -19.33
N ILE A 319 19.27 -18.73 -19.66
CA ILE A 319 19.68 -17.38 -19.27
C ILE A 319 19.53 -17.20 -17.76
N PHE A 320 18.68 -18.02 -17.15
CA PHE A 320 18.38 -17.92 -15.72
C PHE A 320 19.37 -18.72 -14.89
N PRO A 321 19.90 -18.11 -13.84
CA PRO A 321 20.91 -18.79 -13.02
C PRO A 321 20.33 -19.94 -12.17
N VAL A 322 21.20 -20.79 -11.63
CA VAL A 322 20.78 -21.77 -10.65
C VAL A 322 21.04 -21.21 -9.28
N ILE A 323 20.24 -21.66 -8.31
CA ILE A 323 20.30 -21.15 -6.96
C ILE A 323 20.72 -22.27 -6.04
N SER A 324 21.58 -21.97 -5.07
CA SER A 324 22.13 -22.99 -4.21
C SER A 324 22.11 -22.59 -2.77
N LEU A 325 21.54 -23.46 -1.96
CA LEU A 325 21.59 -23.27 -0.53
C LEU A 325 22.53 -24.30 0.06
N TYR A 326 23.52 -23.84 0.81
CA TYR A 326 24.30 -24.76 1.59
C TYR A 326 23.59 -24.98 2.93
N LEU A 327 23.53 -26.23 3.37
CA LEU A 327 22.90 -26.56 4.65
C LEU A 327 23.92 -27.18 5.57
N MET A 328 23.74 -27.01 6.85
CA MET A 328 24.66 -27.61 7.79
C MET A 328 24.56 -29.13 7.69
N GLY A 329 25.70 -29.79 7.61
CA GLY A 329 25.74 -31.24 7.62
C GLY A 329 25.69 -31.84 9.03
N GLU A 330 25.80 -33.14 9.13
CA GLU A 330 25.72 -33.83 10.42
C GLU A 330 27.08 -33.91 11.12
N VAL A 331 28.15 -33.92 10.35
CA VAL A 331 29.51 -33.91 10.88
C VAL A 331 29.94 -32.47 11.14
N THR A 332 30.76 -32.28 12.16
CA THR A 332 31.24 -30.94 12.49
C THR A 332 32.01 -30.25 11.35
N ASN A 333 31.63 -29.01 11.03
CA ASN A 333 32.32 -28.23 10.01
C ASN A 333 32.10 -28.72 8.60
N GLN A 334 31.18 -29.66 8.44
CA GLN A 334 30.76 -30.07 7.11
C GLN A 334 29.42 -29.48 6.74
N SER A 335 29.28 -29.12 5.47
CA SER A 335 27.99 -28.78 4.92
C SER A 335 27.79 -29.49 3.57
N PHE A 336 26.61 -29.32 2.98
CA PHE A 336 26.35 -29.80 1.65
C PHE A 336 25.45 -28.80 0.94
N ARG A 337 25.23 -29.01 -0.34
CA ARG A 337 24.62 -28.02 -1.18
C ARG A 337 23.44 -28.60 -1.96
N ILE A 338 22.34 -27.86 -2.00
CA ILE A 338 21.24 -28.21 -2.89
C ILE A 338 21.08 -27.09 -3.91
N THR A 339 20.81 -27.44 -5.15
CA THR A 339 20.83 -26.46 -6.20
C THR A 339 19.56 -26.64 -6.98
N ILE A 340 18.83 -25.55 -7.19
CA ILE A 340 17.58 -25.65 -7.94
C ILE A 340 17.65 -24.88 -9.25
N LEU A 341 16.78 -25.25 -10.18
CA LEU A 341 16.72 -24.65 -11.49
C LEU A 341 15.67 -23.57 -11.61
N PRO A 342 15.78 -22.75 -12.64
CA PRO A 342 14.67 -21.85 -12.95
C PRO A 342 13.37 -22.65 -13.10
N GLN A 343 13.42 -23.87 -13.63
CA GLN A 343 12.19 -24.65 -13.74
C GLN A 343 11.52 -24.87 -12.38
N GLN A 344 12.21 -24.52 -11.30
CA GLN A 344 11.64 -24.62 -9.97
C GLN A 344 11.10 -23.27 -9.44
N TYR A 345 11.89 -22.20 -9.60
CA TYR A 345 11.46 -20.90 -9.10
C TYR A 345 10.68 -20.04 -10.11
N LEU A 346 10.48 -20.56 -11.32
CA LEU A 346 9.52 -19.96 -12.24
C LEU A 346 8.35 -20.93 -12.38
N ARG A 347 7.24 -20.61 -11.72
CA ARG A 347 6.07 -21.47 -11.75
C ARG A 347 5.18 -21.16 -12.93
N PRO A 348 4.76 -22.21 -13.64
CA PRO A 348 3.78 -22.09 -14.73
C PRO A 348 2.40 -21.70 -14.20
N VAL A 349 1.65 -20.96 -15.03
CA VAL A 349 0.34 -20.43 -14.67
C VAL A 349 -0.58 -20.53 -15.88
N GLU A 350 -1.75 -21.16 -15.70
CA GLU A 350 -2.69 -21.44 -16.79
C GLU A 350 -2.60 -20.47 -17.98
N ASP A 358 3.49 -19.98 -23.20
CA ASP A 358 3.96 -20.47 -21.90
C ASP A 358 4.24 -19.33 -20.91
N CYS A 359 3.44 -19.28 -19.85
CA CYS A 359 3.50 -18.19 -18.86
C CYS A 359 4.10 -18.62 -17.51
N TYR A 360 4.65 -17.66 -16.77
CA TYR A 360 5.32 -18.00 -15.52
C TYR A 360 5.25 -16.91 -14.46
N LYS A 361 5.13 -17.34 -13.20
CA LYS A 361 5.19 -16.42 -12.07
C LYS A 361 6.51 -16.64 -11.30
N PHE A 362 7.15 -15.54 -10.90
CA PHE A 362 8.40 -15.62 -10.14
C PHE A 362 8.12 -16.06 -8.71
N ALA A 363 8.55 -17.28 -8.39
CA ALA A 363 8.16 -17.94 -7.14
C ALA A 363 9.13 -17.76 -5.97
N ILE A 364 9.93 -16.70 -6.00
CA ILE A 364 10.71 -16.32 -4.83
C ILE A 364 10.15 -15.01 -4.29
N SER A 365 9.97 -14.94 -2.96
CA SER A 365 9.34 -13.76 -2.37
C SER A 365 9.94 -13.44 -1.00
N GLN A 366 9.61 -12.25 -0.51
CA GLN A 366 10.15 -11.78 0.77
C GLN A 366 9.33 -12.25 1.97
N SER A 367 9.97 -12.33 3.13
CA SER A 367 9.33 -12.79 4.35
C SER A 367 9.92 -12.06 5.55
N SER A 368 9.10 -11.85 6.57
CA SER A 368 9.58 -11.28 7.81
C SER A 368 9.68 -12.35 8.91
N THR A 369 9.30 -13.57 8.56
CA THR A 369 9.33 -14.67 9.53
C THR A 369 10.42 -15.71 9.26
N GLY A 370 11.46 -15.31 8.54
CA GLY A 370 12.56 -16.19 8.24
C GLY A 370 12.43 -16.83 6.88
N THR A 371 13.34 -17.75 6.60
CA THR A 371 13.38 -18.47 5.33
C THR A 371 12.40 -19.64 5.33
N VAL A 372 11.50 -19.66 4.35
CA VAL A 372 10.63 -20.83 4.16
C VAL A 372 11.02 -21.59 2.91
N MET A 373 11.66 -22.74 3.07
CA MET A 373 11.98 -23.57 1.92
C MET A 373 10.70 -24.31 1.51
N GLY A 374 9.90 -23.62 0.69
CA GLY A 374 8.60 -24.08 0.26
C GLY A 374 8.64 -25.11 -0.85
N ALA A 375 7.55 -25.21 -1.60
CA ALA A 375 7.43 -26.23 -2.66
C ALA A 375 8.39 -26.01 -3.83
N VAL A 376 8.70 -24.76 -4.13
CA VAL A 376 9.77 -24.43 -5.06
C VAL A 376 11.08 -25.16 -4.77
N ILE A 377 11.52 -25.14 -3.52
CA ILE A 377 12.68 -25.92 -3.12
C ILE A 377 12.41 -27.42 -3.18
N MET A 378 11.34 -27.85 -2.54
CA MET A 378 11.09 -29.30 -2.40
C MET A 378 10.94 -30.08 -3.72
N GLU A 379 10.33 -29.47 -4.74
CA GLU A 379 10.11 -30.10 -6.04
C GLU A 379 11.39 -30.44 -6.77
N GLY A 380 12.53 -29.98 -6.26
CA GLY A 380 13.80 -30.43 -6.80
C GLY A 380 14.24 -31.76 -6.21
N PHE A 381 13.65 -32.14 -5.08
CA PHE A 381 14.28 -33.16 -4.26
C PHE A 381 13.35 -34.20 -3.65
N TYR A 382 13.95 -35.29 -3.24
CA TYR A 382 13.27 -36.24 -2.42
C TYR A 382 13.70 -35.80 -1.03
N VAL A 383 12.73 -35.44 -0.20
CA VAL A 383 13.00 -34.91 1.11
C VAL A 383 12.59 -35.89 2.22
N VAL A 384 13.54 -36.27 3.07
CA VAL A 384 13.25 -37.27 4.08
C VAL A 384 13.14 -36.62 5.45
N PHE A 385 11.95 -36.66 6.03
CA PHE A 385 11.75 -36.12 7.36
C PHE A 385 12.02 -37.19 8.42
N ASP A 386 13.31 -37.48 8.61
CA ASP A 386 13.73 -38.58 9.47
C ASP A 386 13.65 -38.17 10.96
N ARG A 387 12.44 -38.23 11.52
CA ARG A 387 12.17 -37.74 12.88
C ARG A 387 12.82 -38.60 13.96
N ALA A 388 12.88 -39.89 13.72
CA ALA A 388 13.57 -40.80 14.63
C ALA A 388 14.97 -40.30 14.88
N ARG A 389 15.56 -39.67 13.87
CA ARG A 389 16.97 -39.29 13.96
C ARG A 389 17.19 -37.78 13.97
N LYS A 390 16.11 -37.03 14.09
CA LYS A 390 16.20 -35.60 14.24
C LYS A 390 17.08 -35.02 13.11
N ARG A 391 16.81 -35.50 11.90
CA ARG A 391 17.45 -34.95 10.71
C ARG A 391 16.52 -34.90 9.48
N ILE A 392 16.89 -34.11 8.48
CA ILE A 392 16.18 -34.05 7.21
C ILE A 392 17.14 -34.36 6.06
N GLY A 393 16.77 -35.33 5.21
CA GLY A 393 17.57 -35.72 4.07
C GLY A 393 17.12 -35.11 2.74
N PHE A 394 18.08 -34.86 1.88
CA PHE A 394 17.84 -34.30 0.55
C PHE A 394 18.58 -35.17 -0.46
N ALA A 395 17.89 -35.58 -1.52
CA ALA A 395 18.52 -36.24 -2.66
C ALA A 395 17.86 -35.71 -3.94
N VAL A 396 18.55 -35.81 -5.08
CA VAL A 396 17.94 -35.37 -6.34
C VAL A 396 16.67 -36.15 -6.67
N SER A 397 15.59 -35.43 -6.90
CA SER A 397 14.35 -36.10 -7.24
C SER A 397 14.43 -36.78 -8.61
N ALA A 398 13.98 -38.04 -8.69
CA ALA A 398 13.88 -38.75 -9.97
C ALA A 398 12.77 -38.19 -10.85
N CYS A 399 11.97 -37.29 -10.29
CA CYS A 399 10.87 -36.72 -11.05
C CYS A 399 10.99 -35.20 -11.32
N HIS A 400 11.97 -34.53 -10.72
CA HIS A 400 12.05 -33.07 -10.84
C HIS A 400 12.12 -32.64 -12.30
N VAL A 401 11.48 -31.50 -12.59
CA VAL A 401 11.43 -30.93 -13.95
C VAL A 401 12.75 -30.26 -14.35
N HIS A 402 13.29 -30.63 -15.51
CA HIS A 402 14.53 -30.01 -16.03
C HIS A 402 14.68 -30.09 -17.55
N ASP A 403 15.62 -29.34 -18.11
CA ASP A 403 15.95 -29.43 -19.52
C ASP A 403 17.13 -30.40 -19.70
N GLU A 404 17.58 -30.56 -20.93
CA GLU A 404 18.65 -31.53 -21.16
C GLU A 404 20.02 -31.02 -20.69
N PHE A 405 20.18 -29.70 -20.55
CA PHE A 405 21.49 -29.16 -20.21
C PHE A 405 21.73 -29.06 -18.71
N ARG A 406 20.67 -29.00 -17.92
CA ARG A 406 20.84 -28.84 -16.49
C ARG A 406 19.92 -29.75 -15.66
N THR A 407 20.37 -30.05 -14.44
CA THR A 407 19.59 -30.82 -13.48
C THR A 407 19.78 -30.29 -12.05
N ALA A 408 18.75 -30.42 -11.21
CA ALA A 408 18.92 -30.13 -9.79
C ALA A 408 20.06 -30.98 -9.22
N ALA A 409 20.65 -30.55 -8.11
CA ALA A 409 21.76 -31.30 -7.56
C ALA A 409 21.80 -31.25 -6.06
N VAL A 410 22.45 -32.25 -5.49
CA VAL A 410 22.77 -32.29 -4.07
C VAL A 410 24.24 -32.76 -4.04
N GLU A 411 25.18 -31.87 -3.77
CA GLU A 411 26.60 -32.25 -3.69
C GLU A 411 27.16 -31.93 -2.30
N GLY A 412 28.21 -32.65 -1.90
CA GLY A 412 28.89 -32.41 -0.62
C GLY A 412 30.01 -33.42 -0.50
N PRO A 413 30.84 -33.32 0.55
CA PRO A 413 30.78 -32.33 1.62
C PRO A 413 31.67 -31.12 1.33
N PHE A 414 31.38 -30.02 2.01
CA PHE A 414 32.18 -28.82 1.92
C PHE A 414 32.65 -28.46 3.31
N VAL A 415 33.90 -28.03 3.45
CA VAL A 415 34.35 -27.56 4.75
C VAL A 415 33.85 -26.15 5.01
N THR A 416 33.24 -25.95 6.16
CA THR A 416 32.61 -24.69 6.48
C THR A 416 32.91 -24.31 7.91
N LEU A 417 33.52 -23.12 8.08
CA LEU A 417 33.87 -22.61 9.39
C LEU A 417 32.75 -21.77 10.04
N ASP A 418 32.45 -22.10 11.30
CA ASP A 418 31.50 -21.35 12.14
C ASP A 418 30.02 -21.50 11.73
N ASP A 421 26.90 -21.24 14.34
CA ASP A 421 26.92 -19.82 14.64
C ASP A 421 25.86 -19.09 13.81
N CYS A 422 25.26 -19.81 12.88
CA CYS A 422 24.40 -19.20 11.87
C CYS A 422 22.94 -19.07 12.33
N GLY A 423 22.63 -19.76 13.41
CA GLY A 423 21.27 -19.84 13.89
C GLY A 423 20.92 -18.64 14.74
N TYR A 424 19.69 -18.17 14.61
CA TYR A 424 19.19 -17.05 15.40
C TYR A 424 18.88 -17.49 16.83
N ASN A 425 19.31 -16.70 17.81
CA ASN A 425 18.95 -16.99 19.18
C ASN A 425 18.02 -15.92 19.76
N ILE A 426 17.12 -16.34 20.64
CA ILE A 426 16.04 -15.46 21.12
C ILE A 426 16.55 -14.23 21.88
N ARG B 36 -12.00 17.32 26.90
CA ARG B 36 -11.16 18.50 27.15
C ARG B 36 -11.50 19.28 28.44
N GLY B 37 -10.53 19.35 29.37
CA GLY B 37 -10.66 20.13 30.57
C GLY B 37 -9.93 19.56 31.79
N SER B 38 -10.69 19.32 32.85
CA SER B 38 -10.13 18.90 34.14
C SER B 38 -10.93 17.72 34.71
N PHE B 39 -10.41 16.51 34.51
CA PHE B 39 -11.09 15.26 34.85
C PHE B 39 -10.56 14.72 36.16
N VAL B 40 -10.94 15.44 37.19
CA VAL B 40 -10.36 15.36 38.51
C VAL B 40 -10.59 13.98 39.16
N GLU B 41 -11.69 13.30 38.78
CA GLU B 41 -11.95 11.91 39.22
C GLU B 41 -11.09 10.84 38.53
N MET B 42 -10.44 11.18 37.43
CA MET B 42 -9.65 10.17 36.70
C MET B 42 -8.13 10.27 36.92
N VAL B 43 -7.67 11.44 37.32
CA VAL B 43 -6.26 11.58 37.64
C VAL B 43 -5.80 10.55 38.68
N ASP B 44 -4.58 10.07 38.48
CA ASP B 44 -3.97 9.06 39.33
C ASP B 44 -4.80 7.82 39.48
N ASN B 45 -5.54 7.45 38.44
CA ASN B 45 -6.28 6.17 38.52
C ASN B 45 -5.48 4.94 38.12
N LEU B 46 -4.20 5.11 37.79
CA LEU B 46 -3.33 3.96 37.52
C LEU B 46 -2.31 3.68 38.61
N ARG B 47 -2.01 2.41 38.80
CA ARG B 47 -0.93 1.98 39.67
C ARG B 47 -0.17 0.88 38.94
N GLY B 48 0.97 0.46 39.49
CA GLY B 48 1.74 -0.64 38.92
C GLY B 48 2.98 -0.95 39.73
N LYS B 49 3.70 -2.02 39.38
CA LYS B 49 5.05 -2.26 39.91
C LYS B 49 6.05 -2.15 38.76
N SER B 50 7.15 -1.43 38.98
CA SER B 50 8.08 -1.13 37.90
C SER B 50 8.35 -2.35 37.05
N GLY B 51 8.14 -2.18 35.74
CA GLY B 51 8.45 -3.21 34.76
C GLY B 51 7.40 -4.30 34.69
N GLN B 52 6.29 -4.11 35.40
CA GLN B 52 5.23 -5.10 35.43
C GLN B 52 3.85 -4.57 35.01
N GLY B 53 3.82 -3.44 34.31
CA GLY B 53 2.58 -2.94 33.75
C GLY B 53 1.71 -2.06 34.65
N TYR B 54 0.94 -1.17 34.03
CA TYR B 54 0.06 -0.26 34.72
C TYR B 54 -1.39 -0.80 34.73
N TYR B 55 -2.04 -0.83 35.89
CA TYR B 55 -3.41 -1.32 35.96
C TYR B 55 -4.42 -0.30 36.50
N VAL B 56 -5.67 -0.48 36.07
CA VAL B 56 -6.77 0.39 36.50
C VAL B 56 -7.76 -0.47 37.26
N GLU B 57 -8.45 0.11 38.23
CA GLU B 57 -9.44 -0.64 39.00
C GLU B 57 -10.74 -0.72 38.20
N MET B 58 -11.27 -1.93 38.05
CA MET B 58 -12.52 -2.16 37.30
C MET B 58 -13.46 -3.03 38.13
N THR B 59 -14.76 -2.91 37.89
CA THR B 59 -15.71 -3.81 38.55
C THR B 59 -16.54 -4.56 37.54
N VAL B 60 -16.73 -5.85 37.81
CA VAL B 60 -17.55 -6.68 36.94
C VAL B 60 -18.63 -7.44 37.73
N GLY B 61 -19.77 -7.68 37.08
CA GLY B 61 -20.84 -8.47 37.66
C GLY B 61 -21.74 -7.76 38.67
N SER B 62 -22.80 -8.47 39.06
CA SER B 62 -23.77 -8.02 40.07
C SER B 62 -23.97 -9.10 41.13
N PRO B 63 -23.69 -8.77 42.40
CA PRO B 63 -23.13 -7.48 42.80
C PRO B 63 -21.70 -7.31 42.28
N PRO B 64 -21.14 -6.09 42.35
CA PRO B 64 -19.88 -5.77 41.66
C PRO B 64 -18.67 -6.52 42.22
N GLN B 65 -17.87 -7.11 41.34
CA GLN B 65 -16.60 -7.69 41.75
C GLN B 65 -15.47 -6.80 41.26
N THR B 66 -14.57 -6.45 42.17
CA THR B 66 -13.53 -5.50 41.90
C THR B 66 -12.22 -6.20 41.56
N LEU B 67 -11.59 -5.79 40.47
CA LEU B 67 -10.33 -6.40 40.03
C LEU B 67 -9.40 -5.34 39.47
N ASN B 68 -8.11 -5.53 39.67
CA ASN B 68 -7.15 -4.67 38.99
C ASN B 68 -6.85 -5.21 37.61
N ILE B 69 -6.94 -4.33 36.62
CA ILE B 69 -6.76 -4.72 35.24
C ILE B 69 -5.65 -3.96 34.52
N LEU B 70 -4.75 -4.74 33.91
CA LEU B 70 -3.66 -4.24 33.08
C LEU B 70 -4.16 -3.48 31.86
N VAL B 71 -3.67 -2.26 31.68
CA VAL B 71 -4.06 -1.38 30.57
C VAL B 71 -3.15 -1.61 29.35
N ASP B 72 -3.64 -2.35 28.35
CA ASP B 72 -2.80 -2.74 27.24
C ASP B 72 -3.28 -2.18 25.91
N THR B 73 -2.57 -1.19 25.39
CA THR B 73 -2.93 -0.67 24.06
C THR B 73 -2.43 -1.56 22.92
N GLY B 74 -1.75 -2.65 23.26
CA GLY B 74 -1.19 -3.56 22.28
C GLY B 74 -1.98 -4.84 22.05
N SER B 75 -3.18 -4.89 22.59
CA SER B 75 -4.08 -6.03 22.40
C SER B 75 -5.53 -5.53 22.47
N SER B 76 -6.49 -6.43 22.23
CA SER B 76 -7.88 -5.98 22.05
C SER B 76 -8.92 -6.84 22.78
N ASN B 77 -8.45 -7.75 23.62
CA ASN B 77 -9.32 -8.61 24.40
C ASN B 77 -9.40 -8.14 25.82
N PHE B 78 -10.61 -8.22 26.38
CA PHE B 78 -10.82 -8.00 27.79
C PHE B 78 -10.87 -9.37 28.44
N ALA B 79 -10.01 -9.61 29.42
CA ALA B 79 -9.95 -10.92 30.04
C ALA B 79 -9.52 -10.83 31.48
N VAL B 80 -10.15 -11.66 32.32
CA VAL B 80 -9.82 -11.68 33.74
C VAL B 80 -9.59 -13.10 34.24
N GLY B 81 -8.71 -13.23 35.23
CA GLY B 81 -8.60 -14.47 35.97
C GLY B 81 -9.98 -14.88 36.45
N ALA B 82 -10.39 -16.09 36.08
CA ALA B 82 -11.70 -16.62 36.43
C ALA B 82 -11.55 -17.96 37.14
N ALA B 83 -10.41 -18.14 37.80
CA ALA B 83 -10.08 -19.40 38.41
C ALA B 83 -8.83 -19.24 39.25
N PRO B 84 -8.81 -19.90 40.43
CA PRO B 84 -7.67 -19.93 41.35
C PRO B 84 -6.33 -20.06 40.64
N HIS B 85 -5.31 -19.49 41.25
CA HIS B 85 -3.96 -19.51 40.71
C HIS B 85 -3.05 -18.92 41.78
N PRO B 86 -1.86 -19.50 41.94
CA PRO B 86 -0.95 -19.16 43.04
C PRO B 86 -0.50 -17.70 42.97
N PHE B 87 -0.77 -17.05 41.84
CA PHE B 87 -0.37 -15.66 41.62
C PHE B 87 -1.54 -14.66 41.72
N LEU B 88 -2.77 -15.17 41.82
CA LEU B 88 -3.95 -14.31 41.88
C LEU B 88 -4.43 -14.09 43.32
N HIS B 89 -4.47 -12.84 43.72
CA HIS B 89 -4.99 -12.47 45.04
C HIS B 89 -6.50 -12.69 45.09
N ARG B 90 -7.17 -12.40 43.97
CA ARG B 90 -8.62 -12.59 43.83
C ARG B 90 -8.96 -12.93 42.38
N TYR B 91 -10.23 -13.15 42.09
CA TYR B 91 -10.63 -13.45 40.71
C TYR B 91 -12.14 -13.39 40.46
N TYR B 92 -12.50 -13.27 39.18
CA TYR B 92 -13.90 -13.29 38.74
C TYR B 92 -14.54 -14.62 39.15
N GLN B 93 -15.65 -14.55 39.88
CA GLN B 93 -16.47 -15.74 40.16
C GLN B 93 -17.81 -15.59 39.49
N ARG B 94 -17.90 -16.15 38.28
CA ARG B 94 -19.08 -16.03 37.45
C ARG B 94 -20.35 -16.52 38.14
N GLN B 95 -20.21 -17.59 38.92
CA GLN B 95 -21.33 -18.15 39.67
C GLN B 95 -22.06 -17.05 40.44
N LEU B 96 -21.32 -16.34 41.30
CA LEU B 96 -21.90 -15.31 42.15
C LEU B 96 -22.40 -14.04 41.44
N SER B 97 -22.41 -14.05 40.11
CA SER B 97 -22.88 -12.87 39.37
C SER B 97 -24.15 -13.15 38.58
N SER B 98 -25.20 -12.42 38.89
CA SER B 98 -26.51 -12.65 38.26
C SER B 98 -26.56 -12.15 36.84
N THR B 99 -25.63 -11.27 36.47
CA THR B 99 -25.65 -10.65 35.13
C THR B 99 -24.82 -11.40 34.09
N TYR B 100 -24.01 -12.35 34.54
CA TYR B 100 -23.19 -13.17 33.65
C TYR B 100 -24.04 -13.87 32.59
N ARG B 101 -23.50 -13.98 31.38
CA ARG B 101 -24.10 -14.75 30.31
C ARG B 101 -22.96 -15.51 29.63
N ASP B 102 -23.01 -16.84 29.65
CA ASP B 102 -21.97 -17.62 28.99
C ASP B 102 -22.22 -17.67 27.50
N LEU B 103 -21.19 -17.45 26.69
CA LEU B 103 -21.34 -17.49 25.25
C LEU B 103 -21.04 -18.87 24.66
N ARG B 104 -20.73 -19.82 25.54
CA ARG B 104 -20.45 -21.20 25.10
C ARG B 104 -19.39 -21.21 23.99
N LYS B 105 -18.32 -20.46 24.21
CA LYS B 105 -17.23 -20.37 23.26
C LYS B 105 -15.92 -20.25 24.02
N GLY B 106 -14.84 -20.72 23.40
CA GLY B 106 -13.53 -20.68 24.02
C GLY B 106 -12.57 -19.77 23.28
N VAL B 107 -11.55 -19.31 23.99
CA VAL B 107 -10.53 -18.46 23.38
C VAL B 107 -9.16 -18.66 24.01
N TYR B 108 -8.15 -18.78 23.15
CA TYR B 108 -6.75 -18.85 23.56
C TYR B 108 -6.07 -17.61 23.03
N VAL B 109 -5.16 -17.04 23.80
CA VAL B 109 -4.42 -15.88 23.30
C VAL B 109 -2.94 -15.92 23.67
N PRO B 110 -2.07 -15.86 22.65
CA PRO B 110 -0.62 -15.79 22.83
C PRO B 110 -0.12 -14.34 22.71
N TYR B 111 0.73 -13.95 23.66
CA TYR B 111 1.37 -12.64 23.60
C TYR B 111 2.86 -12.82 23.31
N THR B 112 3.58 -11.72 23.10
CA THR B 112 5.04 -11.79 22.97
C THR B 112 5.62 -12.42 24.24
N GLN B 113 5.02 -12.09 25.39
CA GLN B 113 5.34 -12.72 26.67
C GLN B 113 4.09 -13.30 27.34
N GLY B 114 3.91 -14.62 27.25
CA GLY B 114 2.81 -15.31 27.92
C GLY B 114 1.61 -15.65 27.06
N ALA B 115 0.78 -16.56 27.57
CA ALA B 115 -0.48 -16.96 26.92
C ALA B 115 -1.51 -17.55 27.93
N TRP B 116 -2.80 -17.40 27.64
CA TRP B 116 -3.86 -17.92 28.52
C TRP B 116 -4.98 -18.60 27.74
N ALA B 117 -5.74 -19.45 28.44
CA ALA B 117 -6.90 -20.12 27.90
C ALA B 117 -8.11 -19.73 28.74
N GLY B 118 -9.24 -19.48 28.09
CA GLY B 118 -10.43 -19.11 28.83
C GLY B 118 -11.74 -19.25 28.06
N GLU B 119 -12.84 -19.11 28.79
CA GLU B 119 -14.18 -19.19 28.21
C GLU B 119 -14.81 -17.80 28.02
N LEU B 120 -15.27 -17.53 26.80
CA LEU B 120 -15.91 -16.24 26.49
C LEU B 120 -17.29 -16.09 27.12
N GLY B 121 -17.64 -14.86 27.44
CA GLY B 121 -18.91 -14.53 28.06
C GLY B 121 -19.17 -13.03 28.02
N THR B 122 -20.28 -12.60 28.60
CA THR B 122 -20.49 -11.18 28.76
C THR B 122 -20.97 -10.92 30.18
N ASP B 123 -20.81 -9.68 30.61
CA ASP B 123 -21.28 -9.28 31.90
C ASP B 123 -21.29 -7.75 31.93
N LEU B 124 -21.67 -7.18 33.06
CA LEU B 124 -21.69 -5.73 33.20
C LEU B 124 -20.37 -5.28 33.76
N VAL B 125 -19.85 -4.20 33.20
CA VAL B 125 -18.58 -3.65 33.65
C VAL B 125 -18.64 -2.17 33.98
N SER B 126 -17.88 -1.79 35.00
CA SER B 126 -17.66 -0.39 35.33
C SER B 126 -16.21 -0.10 35.73
N ILE B 127 -15.90 1.20 35.71
CA ILE B 127 -14.62 1.70 36.15
C ILE B 127 -14.86 2.77 37.21
N PRO B 128 -14.70 2.40 38.47
CA PRO B 128 -14.97 3.29 39.61
C PRO B 128 -14.35 4.68 39.44
N HIS B 129 -13.05 4.75 39.24
CA HIS B 129 -12.41 6.05 39.01
C HIS B 129 -12.33 6.39 37.52
N GLY B 130 -13.42 6.12 36.80
CA GLY B 130 -13.52 6.46 35.39
C GLY B 130 -14.82 7.19 35.13
N PRO B 131 -15.26 7.21 33.87
CA PRO B 131 -16.55 7.88 33.63
C PRO B 131 -17.66 7.14 34.36
N ASN B 132 -18.76 7.84 34.62
CA ASN B 132 -19.85 7.25 35.37
C ASN B 132 -20.88 6.52 34.49
N VAL B 133 -20.54 5.30 34.10
CA VAL B 133 -21.41 4.50 33.25
C VAL B 133 -21.17 3.03 33.48
N THR B 134 -22.02 2.20 32.89
CA THR B 134 -21.87 0.77 33.00
C THR B 134 -22.24 0.15 31.67
N VAL B 135 -21.36 -0.70 31.16
CA VAL B 135 -21.61 -1.31 29.87
C VAL B 135 -21.70 -2.82 30.01
N ARG B 136 -22.37 -3.46 29.06
CA ARG B 136 -22.23 -4.91 28.93
C ARG B 136 -21.10 -5.14 27.93
N ALA B 137 -20.11 -5.93 28.33
CA ALA B 137 -18.96 -6.18 27.49
C ALA B 137 -18.56 -7.65 27.46
N ASN B 138 -17.99 -8.07 26.33
CA ASN B 138 -17.33 -9.36 26.28
C ASN B 138 -16.19 -9.50 27.29
N ILE B 139 -16.14 -10.66 27.93
CA ILE B 139 -15.09 -10.97 28.89
C ILE B 139 -14.57 -12.37 28.62
N ALA B 140 -13.26 -12.53 28.65
CA ALA B 140 -12.66 -13.86 28.58
C ALA B 140 -12.39 -14.29 30.00
N ALA B 141 -12.99 -15.41 30.41
CA ALA B 141 -12.72 -15.96 31.74
C ALA B 141 -11.48 -16.87 31.73
N ILE B 142 -10.37 -16.40 32.30
CA ILE B 142 -9.11 -17.13 32.26
C ILE B 142 -9.04 -18.29 33.26
N THR B 143 -8.94 -19.51 32.73
CA THR B 143 -9.00 -20.73 33.55
C THR B 143 -7.65 -21.46 33.58
N GLU B 144 -6.95 -21.40 32.46
CA GLU B 144 -5.61 -21.96 32.34
C GLU B 144 -4.71 -20.91 31.70
N SER B 145 -3.50 -20.75 32.24
CA SER B 145 -2.53 -19.76 31.71
C SER B 145 -1.08 -20.18 31.94
N ASP B 146 -0.18 -19.56 31.18
CA ASP B 146 1.24 -19.93 31.24
C ASP B 146 2.16 -18.72 31.10
N LYS B 147 2.93 -18.45 32.15
CA LYS B 147 3.92 -17.38 32.15
C LYS B 147 3.25 -16.02 31.89
N PHE B 148 1.96 -15.94 32.19
CA PHE B 148 1.17 -14.74 31.93
C PHE B 148 0.99 -13.89 33.20
N PHE B 149 0.32 -14.43 34.20
CA PHE B 149 0.18 -13.73 35.48
C PHE B 149 1.53 -13.60 36.17
N ILE B 150 1.83 -12.39 36.62
CA ILE B 150 3.13 -12.07 37.18
C ILE B 150 3.13 -12.13 38.69
N ASN B 151 4.21 -12.63 39.26
CA ASN B 151 4.32 -12.75 40.69
C ASN B 151 4.34 -11.39 41.39
N GLY B 152 3.33 -11.15 42.22
CA GLY B 152 3.21 -9.90 42.93
C GLY B 152 3.10 -8.69 42.02
N SER B 153 2.31 -8.85 40.95
CA SER B 153 2.04 -7.73 40.03
C SER B 153 0.86 -6.93 40.55
N ASN B 154 -0.07 -7.63 41.21
CA ASN B 154 -1.25 -7.02 41.79
C ASN B 154 -2.36 -6.75 40.77
N TRP B 155 -2.15 -7.17 39.52
CA TRP B 155 -3.24 -7.20 38.55
C TRP B 155 -3.77 -8.61 38.24
N GLU B 156 -5.05 -8.69 37.95
CA GLU B 156 -5.71 -9.98 37.83
C GLU B 156 -6.36 -10.12 36.47
N GLY B 157 -6.02 -9.23 35.54
CA GLY B 157 -6.64 -9.26 34.23
C GLY B 157 -6.06 -8.22 33.32
N ILE B 158 -6.53 -8.22 32.08
CA ILE B 158 -6.00 -7.35 31.06
C ILE B 158 -7.11 -6.72 30.22
N LEU B 159 -6.88 -5.50 29.76
CA LEU B 159 -7.87 -4.74 29.03
C LEU B 159 -7.25 -4.28 27.73
N GLY B 160 -7.60 -4.94 26.63
CA GLY B 160 -7.07 -4.56 25.34
C GLY B 160 -7.79 -3.34 24.82
N LEU B 161 -7.05 -2.27 24.55
CA LEU B 161 -7.66 -1.02 24.14
C LEU B 161 -7.53 -0.78 22.66
N ALA B 162 -6.89 -1.74 21.98
CA ALA B 162 -6.70 -1.69 20.53
C ALA B 162 -7.96 -2.13 19.79
N TYR B 163 -7.95 -2.01 18.45
CA TYR B 163 -9.14 -2.28 17.63
C TYR B 163 -9.59 -3.76 17.46
N ALA B 164 -10.72 -3.95 16.81
CA ALA B 164 -11.33 -5.28 16.66
C ALA B 164 -10.49 -6.26 15.83
N GLU B 165 -9.81 -5.72 14.81
CA GLU B 165 -9.06 -6.51 13.85
C GLU B 165 -8.11 -7.54 14.47
N ILE B 166 -7.57 -7.23 15.64
CA ILE B 166 -6.61 -8.13 16.27
C ILE B 166 -7.19 -8.83 17.48
N ALA B 167 -8.50 -8.67 17.67
CA ALA B 167 -9.20 -9.45 18.69
C ALA B 167 -9.18 -10.97 18.40
N ARG B 168 -8.91 -11.72 19.46
CA ARG B 168 -9.00 -13.16 19.44
C ARG B 168 -10.38 -13.57 20.00
N PRO B 169 -11.06 -14.57 19.37
CA PRO B 169 -10.69 -15.38 18.21
C PRO B 169 -10.82 -14.67 16.86
N ASP B 170 -11.64 -13.64 16.78
CA ASP B 170 -11.80 -12.90 15.52
C ASP B 170 -12.38 -11.53 15.76
N ASP B 171 -12.48 -10.73 14.69
CA ASP B 171 -12.90 -9.34 14.78
C ASP B 171 -14.36 -9.16 15.19
N SER B 172 -15.07 -10.26 15.35
CA SER B 172 -16.47 -10.21 15.73
C SER B 172 -16.63 -10.00 17.25
N LEU B 173 -15.66 -10.49 18.03
CA LEU B 173 -15.62 -10.21 19.46
C LEU B 173 -15.32 -8.73 19.72
N GLU B 174 -16.36 -7.95 19.95
CA GLU B 174 -16.25 -6.51 20.14
C GLU B 174 -15.36 -6.17 21.35
N PRO B 175 -14.31 -5.36 21.12
CA PRO B 175 -13.43 -4.86 22.18
C PRO B 175 -14.13 -3.92 23.15
N PHE B 176 -13.68 -3.93 24.41
CA PHE B 176 -14.30 -3.17 25.49
C PHE B 176 -14.60 -1.72 25.15
N PHE B 177 -13.59 -1.02 24.64
CA PHE B 177 -13.74 0.41 24.43
C PHE B 177 -14.77 0.70 23.34
N ASP B 178 -14.78 -0.19 22.35
CA ASP B 178 -15.78 -0.17 21.31
C ASP B 178 -17.18 -0.27 21.91
N SER B 179 -17.37 -1.24 22.79
CA SER B 179 -18.64 -1.42 23.51
C SER B 179 -19.03 -0.15 24.25
N LEU B 180 -18.11 0.35 25.06
CA LEU B 180 -18.33 1.55 25.88
C LEU B 180 -18.85 2.72 25.04
N VAL B 181 -18.22 2.95 23.89
CA VAL B 181 -18.60 4.04 23.00
C VAL B 181 -19.99 3.86 22.38
N LYS B 182 -20.28 2.64 21.91
CA LYS B 182 -21.61 2.31 21.39
C LYS B 182 -22.72 2.46 22.43
N GLN B 183 -22.46 2.04 23.66
CA GLN B 183 -23.51 2.05 24.70
C GLN B 183 -23.55 3.32 25.59
N THR B 184 -22.69 4.31 25.34
CA THR B 184 -22.74 5.56 26.13
C THR B 184 -22.34 6.75 25.30
N HIS B 185 -22.30 7.91 25.97
CA HIS B 185 -21.97 9.16 25.30
C HIS B 185 -20.51 9.61 25.55
N VAL B 186 -19.77 8.77 26.26
CA VAL B 186 -18.35 8.96 26.44
C VAL B 186 -17.65 9.09 25.08
N PRO B 187 -16.91 10.19 24.88
CA PRO B 187 -16.27 10.41 23.58
C PRO B 187 -15.28 9.28 23.18
N ASN B 188 -15.08 9.10 21.88
CA ASN B 188 -14.27 7.98 21.40
C ASN B 188 -12.80 8.36 21.40
N LEU B 189 -12.24 8.38 22.60
CA LEU B 189 -10.93 8.97 22.85
C LEU B 189 -10.54 8.59 24.27
N PHE B 190 -9.28 8.24 24.46
CA PHE B 190 -8.68 8.18 25.79
C PHE B 190 -7.25 8.69 25.75
N SER B 191 -6.65 8.92 26.90
CA SER B 191 -5.31 9.44 26.94
C SER B 191 -4.63 8.83 28.11
N LEU B 192 -3.32 8.59 27.97
CA LEU B 192 -2.55 7.92 29.00
C LEU B 192 -1.40 8.79 29.46
N GLN B 193 -1.21 8.82 30.77
CA GLN B 193 -0.02 9.43 31.32
C GLN B 193 0.64 8.42 32.26
N LEU B 194 1.76 7.89 31.84
CA LEU B 194 2.46 6.87 32.60
C LEU B 194 3.67 7.51 33.25
N CYS B 195 3.75 7.40 34.57
CA CYS B 195 4.85 8.02 35.28
C CYS B 195 5.80 6.92 35.72
N GLY B 196 7.03 6.98 35.22
CA GLY B 196 8.01 5.98 35.61
C GLY B 196 8.41 6.12 37.06
N ALA B 197 9.34 5.27 37.49
CA ALA B 197 9.93 5.38 38.81
C ALA B 197 11.28 6.11 38.76
N VAL B 210 4.78 3.27 41.73
CA VAL B 210 4.60 3.60 40.31
C VAL B 210 3.14 3.89 39.92
N GLY B 211 2.92 4.88 39.07
CA GLY B 211 1.55 5.33 38.80
C GLY B 211 1.33 6.10 37.51
N GLY B 212 0.14 6.67 37.37
CA GLY B 212 -0.25 7.32 36.13
C GLY B 212 -1.74 7.60 36.06
N SER B 213 -2.20 8.09 34.92
CA SER B 213 -3.61 8.43 34.76
C SER B 213 -4.13 7.91 33.43
N MET B 214 -5.30 7.27 33.46
CA MET B 214 -6.03 6.97 32.22
C MET B 214 -7.28 7.85 32.15
N ILE B 215 -7.31 8.74 31.18
CA ILE B 215 -8.41 9.66 31.02
C ILE B 215 -9.31 9.16 29.91
N ILE B 216 -10.42 8.54 30.32
CA ILE B 216 -11.41 8.04 29.37
C ILE B 216 -12.38 9.15 28.97
N GLY B 217 -12.42 9.45 27.68
CA GLY B 217 -13.36 10.42 27.16
C GLY B 217 -12.83 11.82 27.01
N GLY B 218 -11.55 12.05 27.30
CA GLY B 218 -11.04 13.40 27.21
C GLY B 218 -9.55 13.60 27.40
N ILE B 219 -9.14 14.86 27.31
CA ILE B 219 -7.76 15.29 27.48
C ILE B 219 -7.66 16.22 28.72
N ASP B 220 -6.83 15.84 29.69
CA ASP B 220 -6.70 16.64 30.91
C ASP B 220 -5.50 17.55 30.81
N HIS B 221 -5.74 18.85 30.91
CA HIS B 221 -4.72 19.85 30.68
C HIS B 221 -3.60 19.84 31.71
N SER B 222 -3.88 19.42 32.93
CA SER B 222 -2.82 19.42 33.94
C SER B 222 -1.76 18.34 33.67
N LEU B 223 -2.05 17.42 32.76
CA LEU B 223 -1.18 16.25 32.59
C LEU B 223 -0.04 16.53 31.62
N TYR B 224 -0.01 17.74 31.07
CA TYR B 224 1.04 18.09 30.13
C TYR B 224 1.47 19.55 30.13
N THR B 225 2.67 19.80 29.59
CA THR B 225 3.18 21.14 29.36
C THR B 225 3.39 21.28 27.88
N GLY B 226 3.35 22.50 27.35
CA GLY B 226 3.52 22.73 25.93
C GLY B 226 2.37 22.24 25.06
N SER B 227 2.63 22.13 23.76
CA SER B 227 1.61 21.72 22.78
C SER B 227 1.54 20.21 22.52
N LEU B 228 0.34 19.72 22.22
CA LEU B 228 0.16 18.38 21.68
C LEU B 228 0.43 18.35 20.19
N TRP B 229 1.18 17.34 19.76
CA TRP B 229 1.40 17.11 18.34
C TRP B 229 0.79 15.78 17.89
N TYR B 230 0.19 15.76 16.72
CA TYR B 230 -0.52 14.56 16.31
C TYR B 230 0.10 13.84 15.11
N THR B 231 0.14 12.53 15.19
CA THR B 231 0.57 11.68 14.08
C THR B 231 -0.64 10.82 13.72
N PRO B 232 -0.86 10.62 12.41
CA PRO B 232 -1.97 9.79 11.92
C PRO B 232 -1.89 8.36 12.42
N ILE B 233 -3.04 7.75 12.73
CA ILE B 233 -3.08 6.30 12.87
C ILE B 233 -3.18 5.72 11.46
N ARG B 234 -2.12 5.03 11.03
CA ARG B 234 -2.04 4.46 9.69
C ARG B 234 -3.16 3.45 9.40
N ARG B 235 -3.30 2.46 10.27
CA ARG B 235 -4.38 1.48 10.16
C ARG B 235 -4.96 1.19 11.54
N GLU B 236 -6.28 1.14 11.65
CA GLU B 236 -6.91 0.75 12.91
C GLU B 236 -6.85 -0.75 13.16
N TRP B 237 -5.72 -1.23 13.64
CA TRP B 237 -5.63 -2.61 14.10
C TRP B 237 -4.89 -2.56 15.43
N TYR B 238 -3.57 -2.56 15.38
CA TYR B 238 -2.75 -2.04 16.46
C TYR B 238 -2.83 -0.52 16.35
N TYR B 239 -2.24 0.19 17.31
CA TYR B 239 -2.08 1.64 17.18
C TYR B 239 -0.85 1.96 16.34
N GLU B 240 -0.97 1.75 15.02
CA GLU B 240 0.17 1.85 14.13
C GLU B 240 0.47 3.28 13.74
N VAL B 241 1.75 3.65 13.88
CA VAL B 241 2.22 4.97 13.47
C VAL B 241 3.42 4.83 12.54
N ILE B 242 3.85 5.95 11.96
CA ILE B 242 5.01 5.92 11.06
C ILE B 242 6.19 6.78 11.53
N ILE B 243 7.33 6.13 11.72
CA ILE B 243 8.57 6.81 12.07
C ILE B 243 9.42 7.16 10.84
N VAL B 244 9.73 8.44 10.68
CA VAL B 244 10.42 8.92 9.49
C VAL B 244 11.90 9.26 9.71
N ARG B 245 12.35 9.27 10.96
CA ARG B 245 13.74 9.61 11.25
C ARG B 245 14.12 9.27 12.70
N VAL B 246 15.35 8.82 12.90
CA VAL B 246 15.83 8.58 14.25
C VAL B 246 17.15 9.31 14.47
N GLU B 247 17.27 10.06 15.57
CA GLU B 247 18.55 10.67 15.93
C GLU B 247 19.02 10.19 17.32
N ILE B 248 20.33 9.99 17.46
CA ILE B 248 20.93 9.78 18.78
C ILE B 248 21.80 10.99 19.14
N ASN B 249 21.33 11.80 20.09
CA ASN B 249 22.02 13.04 20.49
C ASN B 249 22.23 13.93 19.29
N GLY B 250 21.20 14.08 18.48
CA GLY B 250 21.24 14.95 17.32
C GLY B 250 21.73 14.25 16.08
N GLN B 251 22.44 13.14 16.27
CA GLN B 251 23.08 12.44 15.16
C GLN B 251 22.14 11.42 14.50
N ASP B 252 21.86 11.67 13.22
CA ASP B 252 20.94 10.87 12.42
C ASP B 252 21.46 9.45 12.20
N LEU B 253 20.62 8.47 12.46
CA LEU B 253 20.94 7.06 12.21
C LEU B 253 21.22 6.82 10.72
N LYS B 254 20.50 7.51 9.85
CA LYS B 254 20.83 7.55 8.43
C LYS B 254 20.48 6.26 7.67
N MET B 255 19.56 5.47 8.21
CA MET B 255 19.00 4.34 7.49
C MET B 255 17.84 4.81 6.60
N ASP B 256 17.42 3.95 5.67
CA ASP B 256 16.17 4.20 4.95
C ASP B 256 15.03 4.09 5.97
N CYS B 257 14.07 5.00 5.89
CA CYS B 257 13.03 5.09 6.92
C CYS B 257 12.15 3.83 7.03
N LYS B 258 12.03 3.10 5.92
CA LYS B 258 11.33 1.82 5.90
C LYS B 258 11.88 0.87 6.95
N GLU B 259 13.19 0.86 7.14
CA GLU B 259 13.78 0.05 8.19
C GLU B 259 13.11 0.29 9.54
N TYR B 260 12.83 1.56 9.84
CA TYR B 260 12.24 1.96 11.14
C TYR B 260 10.83 1.39 11.36
N ASN B 261 10.11 1.19 10.27
CA ASN B 261 8.76 0.67 10.36
C ASN B 261 8.62 -0.71 9.75
N TYR B 262 9.71 -1.46 9.71
CA TYR B 262 9.72 -2.71 8.97
C TYR B 262 8.89 -3.75 9.69
N ASP B 263 7.82 -4.12 8.99
CA ASP B 263 6.68 -4.85 9.51
C ASP B 263 5.69 -3.78 9.92
N LYS B 264 5.98 -3.12 11.04
CA LYS B 264 5.09 -2.11 11.58
C LYS B 264 5.77 -1.31 12.70
N SER B 265 5.09 -0.26 13.14
CA SER B 265 5.50 0.49 14.33
C SER B 265 4.25 0.83 15.13
N ILE B 266 4.21 0.41 16.38
CA ILE B 266 2.98 0.60 17.15
C ILE B 266 3.24 1.25 18.49
N VAL B 267 2.17 1.78 19.10
CA VAL B 267 2.24 2.32 20.44
C VAL B 267 1.58 1.34 21.40
N ASP B 268 2.35 0.79 22.34
CA ASP B 268 1.88 -0.34 23.15
C ASP B 268 2.17 -0.22 24.66
N SER B 269 1.18 0.29 25.41
CA SER B 269 1.32 0.45 26.85
C SER B 269 1.55 -0.85 27.61
N GLY B 270 1.29 -1.98 26.95
CA GLY B 270 1.49 -3.27 27.58
C GLY B 270 2.92 -3.78 27.46
N THR B 271 3.73 -3.15 26.62
CA THR B 271 5.14 -3.55 26.54
C THR B 271 6.06 -2.61 27.35
N THR B 272 7.04 -3.18 28.04
CA THR B 272 7.96 -2.38 28.85
C THR B 272 8.96 -1.60 27.99
N ASN B 273 9.65 -2.31 27.09
CA ASN B 273 10.75 -1.73 26.33
C ASN B 273 10.39 -0.93 25.07
N LEU B 274 11.33 -0.13 24.62
CA LEU B 274 11.30 0.39 23.28
C LEU B 274 11.97 -0.69 22.46
N ARG B 275 11.20 -1.32 21.58
CA ARG B 275 11.73 -2.43 20.81
C ARG B 275 11.92 -1.97 19.38
N LEU B 276 13.10 -2.29 18.84
CA LEU B 276 13.46 -1.89 17.49
C LEU B 276 13.75 -3.09 16.59
N PRO B 277 13.43 -2.97 15.30
CA PRO B 277 13.92 -3.91 14.29
C PRO B 277 15.42 -4.22 14.46
N LYS B 278 15.78 -5.50 14.34
CA LYS B 278 17.15 -5.97 14.48
C LYS B 278 18.17 -4.95 13.95
N LYS B 279 17.94 -4.50 12.72
CA LYS B 279 18.88 -3.68 11.99
C LYS B 279 18.99 -2.28 12.62
N VAL B 280 17.84 -1.69 12.90
CA VAL B 280 17.76 -0.41 13.59
C VAL B 280 18.36 -0.54 14.97
N PHE B 281 17.93 -1.56 15.70
CA PHE B 281 18.51 -1.77 17.01
C PHE B 281 20.05 -1.80 17.00
N GLU B 282 20.64 -2.51 16.03
CA GLU B 282 22.10 -2.65 15.90
C GLU B 282 22.77 -1.30 15.73
N ALA B 283 22.25 -0.52 14.80
CA ALA B 283 22.70 0.84 14.54
C ALA B 283 22.65 1.71 15.81
N ALA B 284 21.51 1.68 16.50
CA ALA B 284 21.30 2.52 17.67
C ALA B 284 22.26 2.17 18.79
N VAL B 285 22.46 0.89 19.06
CA VAL B 285 23.38 0.55 20.14
C VAL B 285 24.80 1.00 19.83
N LYS B 286 25.18 0.90 18.57
CA LYS B 286 26.49 1.34 18.11
C LYS B 286 26.66 2.83 18.50
N SER B 287 25.67 3.62 18.12
CA SER B 287 25.66 5.05 18.35
C SER B 287 25.52 5.46 19.83
N ILE B 288 24.70 4.75 20.58
CA ILE B 288 24.55 5.02 21.99
C ILE B 288 25.85 4.71 22.76
N LYS B 289 26.47 3.58 22.42
CA LYS B 289 27.75 3.17 22.99
C LYS B 289 28.83 4.21 22.69
N ALA B 290 28.83 4.71 21.46
CA ALA B 290 29.80 5.73 21.11
C ALA B 290 29.60 7.02 21.91
N ALA B 291 28.34 7.40 22.12
CA ALA B 291 28.02 8.63 22.81
C ALA B 291 28.30 8.52 24.31
N SER B 292 28.36 7.29 24.80
CA SER B 292 28.59 7.05 26.22
C SER B 292 29.98 6.45 26.50
N SER B 293 30.88 6.51 25.51
CA SER B 293 32.18 5.84 25.61
C SER B 293 33.12 6.32 26.74
N THR B 294 32.77 7.42 27.39
CA THR B 294 33.51 7.87 28.57
C THR B 294 33.45 6.80 29.67
N GLU B 295 32.42 5.96 29.61
CA GLU B 295 32.31 4.78 30.45
C GLU B 295 32.15 3.60 29.54
N LYS B 296 32.72 2.46 29.91
CA LYS B 296 32.59 1.26 29.10
C LYS B 296 31.69 0.24 29.82
N PHE B 297 30.91 -0.52 29.05
CA PHE B 297 29.92 -1.44 29.61
C PHE B 297 30.01 -2.81 28.92
N PRO B 298 29.68 -3.88 29.68
CA PRO B 298 29.71 -5.27 29.16
C PRO B 298 28.75 -5.46 27.99
N ASP B 299 29.15 -6.31 27.02
CA ASP B 299 28.34 -6.60 25.84
C ASP B 299 26.91 -6.91 26.26
N GLY B 300 26.80 -7.61 27.39
CA GLY B 300 25.53 -8.12 27.91
C GLY B 300 24.57 -7.06 28.41
N PHE B 301 25.09 -5.98 28.99
CA PHE B 301 24.27 -4.85 29.40
C PHE B 301 23.44 -4.31 28.23
N TRP B 302 24.05 -4.19 27.05
CA TRP B 302 23.34 -3.65 25.89
C TRP B 302 22.32 -4.63 25.35
N LEU B 303 22.26 -5.81 25.95
CA LEU B 303 21.34 -6.87 25.53
C LEU B 303 20.31 -7.13 26.60
N GLY B 304 20.48 -6.50 27.75
CA GLY B 304 19.54 -6.67 28.84
C GLY B 304 19.93 -7.81 29.75
N GLU B 305 20.93 -8.57 29.35
CA GLU B 305 21.41 -9.71 30.13
C GLU B 305 22.05 -9.29 31.45
N GLN B 306 22.63 -8.09 31.51
CA GLN B 306 23.35 -7.63 32.69
C GLN B 306 22.82 -6.28 33.16
N LEU B 307 22.95 -6.03 34.47
CA LEU B 307 22.61 -4.73 35.03
C LEU B 307 23.85 -3.88 35.17
N VAL B 308 23.67 -2.58 35.33
CA VAL B 308 24.75 -1.66 35.66
C VAL B 308 24.36 -0.90 36.90
N CYS B 309 25.29 -0.75 37.83
CA CYS B 309 25.00 -0.07 39.08
C CYS B 309 25.93 1.09 39.34
N TRP B 310 25.46 2.06 40.12
CA TRP B 310 26.25 3.22 40.48
C TRP B 310 26.01 3.53 41.94
N GLN B 311 26.95 4.25 42.55
CA GLN B 311 26.72 4.78 43.89
C GLN B 311 25.44 5.61 43.85
N ALA B 312 24.53 5.33 44.79
CA ALA B 312 23.22 5.99 44.83
C ALA B 312 23.27 7.52 44.70
N GLY B 313 22.39 8.06 43.86
CA GLY B 313 22.29 9.48 43.60
C GLY B 313 23.42 10.05 42.76
N THR B 314 24.19 9.17 42.13
CA THR B 314 25.38 9.58 41.40
C THR B 314 25.31 9.12 39.95
N THR B 315 24.18 8.55 39.57
CA THR B 315 23.99 8.12 38.17
C THR B 315 24.36 9.26 37.21
N PRO B 316 25.32 9.00 36.31
CA PRO B 316 25.82 10.01 35.36
C PRO B 316 24.95 10.14 34.10
N TRP B 317 23.74 10.67 34.25
CA TRP B 317 22.80 10.78 33.12
C TRP B 317 23.38 11.46 31.90
N ASN B 318 24.13 12.53 32.14
CA ASN B 318 24.61 13.41 31.07
C ASN B 318 25.47 12.69 30.01
N ILE B 319 26.16 11.62 30.39
CA ILE B 319 27.05 10.91 29.47
C ILE B 319 26.24 10.08 28.46
N PHE B 320 24.99 9.79 28.80
CA PHE B 320 24.07 9.09 27.90
C PHE B 320 23.37 10.04 26.96
N PRO B 321 23.13 9.62 25.72
CA PRO B 321 22.45 10.51 24.78
C PRO B 321 20.93 10.52 24.95
N VAL B 322 20.31 11.54 24.37
CA VAL B 322 18.87 11.52 24.23
C VAL B 322 18.57 10.78 22.94
N ILE B 323 17.41 10.14 22.87
CA ILE B 323 16.98 9.45 21.65
C ILE B 323 15.79 10.18 21.05
N SER B 324 15.79 10.37 19.74
CA SER B 324 14.70 11.07 19.10
C SER B 324 14.07 10.30 17.96
N LEU B 325 12.74 10.33 17.94
CA LEU B 325 11.98 9.75 16.85
C LEU B 325 11.18 10.84 16.20
N TYR B 326 11.34 10.99 14.91
CA TYR B 326 10.46 11.83 14.12
C TYR B 326 9.27 11.02 13.68
N LEU B 327 8.08 11.56 13.90
CA LEU B 327 6.84 10.90 13.56
C LEU B 327 6.21 11.71 12.47
N MET B 328 5.48 11.05 11.57
CA MET B 328 4.80 11.73 10.49
C MET B 328 3.73 12.67 11.02
N GLY B 329 3.66 13.86 10.44
CA GLY B 329 2.66 14.83 10.85
C GLY B 329 1.29 14.62 10.21
N GLU B 330 0.37 15.51 10.51
CA GLU B 330 -0.95 15.50 9.91
C GLU B 330 -0.92 16.28 8.61
N VAL B 331 -0.05 17.28 8.56
CA VAL B 331 0.13 18.06 7.36
C VAL B 331 1.15 17.38 6.45
N THR B 332 0.97 17.55 5.15
CA THR B 332 1.82 16.89 4.18
C THR B 332 3.26 17.40 4.29
N ASN B 333 4.19 16.46 4.27
CA ASN B 333 5.63 16.75 4.38
C ASN B 333 6.06 17.30 5.73
N GLN B 334 5.13 17.35 6.69
CA GLN B 334 5.47 17.82 8.02
C GLN B 334 5.67 16.64 8.98
N SER B 335 6.65 16.76 9.87
CA SER B 335 6.81 15.79 10.94
C SER B 335 7.15 16.52 12.25
N PHE B 336 7.23 15.78 13.34
CA PHE B 336 7.62 16.39 14.60
C PHE B 336 8.41 15.32 15.29
N ARG B 337 9.18 15.69 16.31
CA ARG B 337 9.96 14.68 16.98
C ARG B 337 9.67 14.63 18.46
N ILE B 338 9.76 13.44 19.01
CA ILE B 338 9.73 13.28 20.43
C ILE B 338 11.11 12.83 20.87
N THR B 339 11.55 13.35 22.00
CA THR B 339 12.87 13.03 22.48
C THR B 339 12.69 12.53 23.88
N ILE B 340 13.40 11.47 24.22
CA ILE B 340 13.36 10.90 25.55
C ILE B 340 14.76 10.87 26.09
N LEU B 341 14.87 10.74 27.41
CA LEU B 341 16.15 10.74 28.10
C LEU B 341 16.50 9.34 28.59
N PRO B 342 17.77 9.14 28.97
CA PRO B 342 18.17 7.90 29.64
C PRO B 342 17.31 7.60 30.88
N GLN B 343 16.72 8.60 31.52
CA GLN B 343 15.86 8.32 32.64
C GLN B 343 14.64 7.50 32.18
N GLN B 344 14.33 7.58 30.90
CA GLN B 344 13.31 6.74 30.29
C GLN B 344 13.84 5.37 29.85
N TYR B 345 14.99 5.33 29.16
CA TYR B 345 15.48 4.04 28.67
C TYR B 345 16.39 3.23 29.61
N LEU B 346 16.73 3.78 30.76
CA LEU B 346 17.43 3.01 31.78
C LEU B 346 16.50 2.77 32.96
N ARG B 347 15.83 1.61 32.96
CA ARG B 347 14.85 1.28 33.99
C ARG B 347 15.50 0.93 35.32
N PRO B 348 15.11 1.63 36.38
CA PRO B 348 15.68 1.22 37.67
C PRO B 348 15.05 -0.12 38.08
N VAL B 349 15.91 -1.09 38.38
CA VAL B 349 15.46 -2.37 38.91
C VAL B 349 16.00 -2.53 40.31
N GLU B 350 15.12 -2.65 41.29
CA GLU B 350 15.57 -2.83 42.66
C GLU B 350 15.05 -4.13 43.25
N ASP B 351 15.94 -4.88 43.88
CA ASP B 351 17.34 -4.46 43.98
C ASP B 351 18.28 -5.63 43.75
N VAL B 352 18.25 -6.57 44.69
CA VAL B 352 19.32 -7.55 44.82
C VAL B 352 20.68 -6.89 44.52
N ALA B 353 20.99 -5.88 45.34
CA ALA B 353 22.28 -5.23 45.39
C ALA B 353 22.28 -4.45 46.71
N THR B 354 23.43 -3.93 47.13
CA THR B 354 23.49 -3.12 48.35
C THR B 354 22.74 -1.81 48.12
N SER B 355 22.19 -1.23 49.20
CA SER B 355 21.42 0.01 49.10
C SER B 355 22.31 1.25 49.27
N ASP B 358 22.20 2.09 43.00
CA ASP B 358 21.23 2.24 41.92
C ASP B 358 21.55 1.35 40.73
N CYS B 359 20.63 0.46 40.40
CA CYS B 359 20.83 -0.53 39.35
C CYS B 359 19.80 -0.35 38.24
N TYR B 360 20.27 -0.40 36.99
CA TYR B 360 19.40 -0.09 35.88
C TYR B 360 19.54 -1.13 34.79
N LYS B 361 18.44 -1.41 34.10
CA LYS B 361 18.49 -2.28 32.93
C LYS B 361 18.40 -1.42 31.66
N PHE B 362 19.11 -1.80 30.63
CA PHE B 362 18.97 -1.13 29.35
C PHE B 362 17.69 -1.61 28.70
N ALA B 363 16.73 -0.70 28.53
CA ALA B 363 15.38 -1.06 28.13
C ALA B 363 15.06 -0.78 26.66
N ILE B 364 16.08 -0.79 25.80
CA ILE B 364 15.83 -0.81 24.38
C ILE B 364 16.21 -2.21 23.92
N SER B 365 15.47 -2.77 22.97
CA SER B 365 15.73 -4.15 22.57
C SER B 365 15.22 -4.46 21.17
N GLN B 366 15.70 -5.57 20.63
CA GLN B 366 15.43 -5.90 19.23
C GLN B 366 14.15 -6.70 19.06
N SER B 367 13.57 -6.57 17.89
CA SER B 367 12.29 -7.15 17.59
C SER B 367 12.31 -7.65 16.15
N SER B 368 11.66 -8.79 15.93
CA SER B 368 11.46 -9.33 14.59
C SER B 368 10.10 -8.89 14.06
N THR B 369 9.31 -8.30 14.93
CA THR B 369 7.92 -7.95 14.60
C THR B 369 7.67 -6.45 14.50
N GLY B 370 8.70 -5.67 14.20
CA GLY B 370 8.55 -4.23 14.07
C GLY B 370 8.92 -3.40 15.29
N THR B 371 8.64 -2.11 15.20
CA THR B 371 8.88 -1.15 16.28
C THR B 371 7.74 -1.10 17.26
N VAL B 372 8.04 -1.37 18.53
CA VAL B 372 7.06 -1.20 19.61
C VAL B 372 7.48 -0.04 20.52
N MET B 373 6.73 1.06 20.46
CA MET B 373 6.93 2.16 21.42
C MET B 373 6.24 1.84 22.74
N GLY B 374 6.97 1.18 23.64
CA GLY B 374 6.43 0.77 24.92
C GLY B 374 6.47 1.84 26.02
N ALA B 375 6.49 1.38 27.26
CA ALA B 375 6.54 2.25 28.43
C ALA B 375 7.72 3.24 28.35
N VAL B 376 8.88 2.74 27.95
CA VAL B 376 10.06 3.57 27.74
C VAL B 376 9.78 4.87 26.99
N ILE B 377 8.97 4.80 25.94
CA ILE B 377 8.57 5.98 25.19
C ILE B 377 7.47 6.74 25.92
N MET B 378 6.39 6.03 26.24
CA MET B 378 5.22 6.65 26.81
C MET B 378 5.44 7.39 28.13
N GLU B 379 6.37 6.92 28.95
CA GLU B 379 6.62 7.53 30.24
C GLU B 379 7.26 8.91 30.06
N GLY B 380 7.66 9.24 28.85
CA GLY B 380 8.15 10.56 28.57
C GLY B 380 7.01 11.54 28.32
N PHE B 381 5.84 11.01 28.00
CA PHE B 381 4.81 11.84 27.40
C PHE B 381 3.39 11.61 27.90
N TYR B 382 2.53 12.55 27.53
CA TYR B 382 1.11 12.41 27.66
C TYR B 382 0.63 12.00 26.28
N VAL B 383 0.08 10.81 26.17
CA VAL B 383 -0.29 10.25 24.87
C VAL B 383 -1.80 10.21 24.71
N VAL B 384 -2.28 10.86 23.66
CA VAL B 384 -3.72 10.94 23.40
C VAL B 384 -4.09 10.03 22.24
N PHE B 385 -4.79 8.94 22.54
CA PHE B 385 -5.30 8.06 21.51
C PHE B 385 -6.66 8.57 21.03
N ASP B 386 -6.61 9.54 20.11
CA ASP B 386 -7.81 10.17 19.57
C ASP B 386 -8.45 9.27 18.49
N ARG B 387 -9.16 8.24 18.95
CA ARG B 387 -9.76 7.26 18.04
C ARG B 387 -10.72 7.89 17.05
N ALA B 388 -11.44 8.91 17.50
CA ALA B 388 -12.41 9.61 16.68
C ALA B 388 -11.77 10.33 15.52
N ARG B 389 -10.50 10.68 15.64
CA ARG B 389 -9.85 11.42 14.56
C ARG B 389 -8.69 10.64 13.92
N LYS B 390 -8.65 9.35 14.23
CA LYS B 390 -7.63 8.45 13.67
C LYS B 390 -6.24 9.05 13.79
N ARG B 391 -5.87 9.47 15.01
CA ARG B 391 -4.57 10.07 15.27
C ARG B 391 -4.06 9.83 16.71
N ILE B 392 -2.75 9.94 16.90
CA ILE B 392 -2.17 9.89 18.25
C ILE B 392 -1.44 11.20 18.56
N GLY B 393 -1.81 11.82 19.68
CA GLY B 393 -1.17 13.05 20.13
C GLY B 393 -0.08 12.79 21.16
N PHE B 394 1.03 13.51 21.03
CA PHE B 394 2.09 13.50 22.04
C PHE B 394 2.33 14.90 22.61
N ALA B 395 2.67 14.96 23.89
CA ALA B 395 3.10 16.19 24.55
C ALA B 395 3.95 15.83 25.74
N VAL B 396 4.80 16.77 26.15
CA VAL B 396 5.68 16.53 27.28
C VAL B 396 4.87 16.19 28.53
N SER B 397 5.16 15.06 29.16
CA SER B 397 4.41 14.72 30.33
C SER B 397 4.76 15.65 31.50
N ALA B 398 3.75 16.11 32.22
CA ALA B 398 3.97 16.98 33.36
C ALA B 398 4.51 16.19 34.58
N CYS B 399 4.65 14.88 34.46
CA CYS B 399 5.19 14.07 35.55
C CYS B 399 6.46 13.26 35.18
N HIS B 400 6.95 13.37 33.95
CA HIS B 400 8.09 12.55 33.54
C HIS B 400 9.39 12.78 34.35
N VAL B 401 10.15 11.71 34.58
CA VAL B 401 11.44 11.80 35.28
C VAL B 401 12.54 12.43 34.43
N HIS B 402 13.24 13.39 35.01
CA HIS B 402 14.30 14.12 34.32
C HIS B 402 15.17 14.83 35.36
N ASP B 403 16.31 15.36 34.92
CA ASP B 403 17.22 16.09 35.82
C ASP B 403 17.14 17.59 35.53
N GLU B 404 17.89 18.41 36.26
CA GLU B 404 17.76 19.87 36.08
C GLU B 404 18.22 20.35 34.70
N PHE B 405 19.08 19.58 34.03
CA PHE B 405 19.66 20.03 32.75
C PHE B 405 18.94 19.59 31.47
N ARG B 406 18.32 18.42 31.46
CA ARG B 406 17.58 17.97 30.28
C ARG B 406 16.15 17.57 30.61
N THR B 407 15.23 17.85 29.68
CA THR B 407 13.87 17.31 29.76
C THR B 407 13.44 16.57 28.47
N ALA B 408 12.44 15.70 28.57
CA ALA B 408 11.79 15.15 27.39
C ALA B 408 11.27 16.31 26.56
N ALA B 409 10.99 16.06 25.29
CA ALA B 409 10.62 17.16 24.41
C ALA B 409 9.75 16.68 23.29
N VAL B 410 8.92 17.58 22.78
CA VAL B 410 8.08 17.36 21.62
C VAL B 410 8.17 18.65 20.85
N GLU B 411 8.87 18.64 19.72
CA GLU B 411 9.13 19.83 18.93
C GLU B 411 8.64 19.67 17.48
N GLY B 412 8.31 20.76 16.81
CA GLY B 412 7.87 20.68 15.43
C GLY B 412 7.50 22.05 14.90
N PRO B 413 7.22 22.17 13.59
CA PRO B 413 7.26 21.09 12.59
C PRO B 413 8.64 21.01 11.93
N PHE B 414 8.86 19.91 11.20
CA PHE B 414 10.07 19.71 10.43
C PHE B 414 9.69 19.39 8.98
N VAL B 415 10.44 19.90 8.03
CA VAL B 415 10.18 19.54 6.64
C VAL B 415 10.89 18.25 6.27
N THR B 416 10.17 17.40 5.55
CA THR B 416 10.65 16.12 5.09
C THR B 416 9.98 15.82 3.75
N LEU B 417 10.50 14.84 3.03
CA LEU B 417 9.89 14.42 1.77
C LEU B 417 9.63 12.91 1.75
N ASP B 418 8.53 12.53 1.11
CA ASP B 418 8.22 11.13 0.83
C ASP B 418 8.09 10.31 2.12
N MET B 419 7.22 10.78 3.02
CA MET B 419 7.02 10.12 4.32
C MET B 419 6.16 8.88 4.22
N GLU B 420 5.20 8.87 3.31
CA GLU B 420 4.37 7.68 3.14
C GLU B 420 5.14 6.63 2.32
N ASP B 421 6.35 7.00 1.93
CA ASP B 421 7.34 6.04 1.44
C ASP B 421 7.88 5.21 2.61
N CYS B 422 7.70 5.72 3.84
CA CYS B 422 8.28 5.08 5.03
C CYS B 422 7.49 3.87 5.53
N GLY B 423 6.24 3.76 5.10
CA GLY B 423 5.40 2.65 5.53
C GLY B 423 5.71 1.37 4.79
N TYR B 424 5.63 0.25 5.51
CA TYR B 424 5.82 -1.08 4.96
C TYR B 424 4.53 -1.63 4.34
N ASN B 425 4.61 -2.12 3.11
CA ASN B 425 3.43 -2.69 2.47
C ASN B 425 3.50 -4.20 2.31
N ILE B 426 2.33 -4.84 2.37
CA ILE B 426 2.19 -6.30 2.22
C ILE B 426 2.30 -7.02 3.56
N SER C 38 -29.99 38.48 -33.67
CA SER C 38 -29.50 39.73 -33.08
C SER C 38 -27.97 39.79 -33.01
N PHE C 39 -27.32 38.63 -33.10
CA PHE C 39 -25.87 38.58 -33.25
C PHE C 39 -25.52 38.11 -34.66
N VAL C 40 -26.50 38.25 -35.55
CA VAL C 40 -26.38 37.80 -36.93
C VAL C 40 -25.09 38.30 -37.61
N GLU C 41 -24.78 39.60 -37.45
CA GLU C 41 -23.61 40.19 -38.10
C GLU C 41 -22.29 39.46 -37.80
N MET C 42 -22.20 38.85 -36.63
CA MET C 42 -20.94 38.24 -36.20
C MET C 42 -20.82 36.78 -36.56
N VAL C 43 -21.96 36.14 -36.83
CA VAL C 43 -21.96 34.76 -37.28
C VAL C 43 -21.06 34.62 -38.49
N ASP C 44 -20.20 33.62 -38.46
CA ASP C 44 -19.40 33.28 -39.62
C ASP C 44 -18.23 34.21 -39.88
N ASN C 45 -17.73 34.86 -38.83
CA ASN C 45 -16.71 35.88 -39.00
C ASN C 45 -15.26 35.35 -38.93
N LEU C 46 -15.11 34.03 -38.87
CA LEU C 46 -13.78 33.40 -38.79
C LEU C 46 -13.46 32.55 -40.03
N ARG C 47 -12.21 32.57 -40.46
CA ARG C 47 -11.73 31.70 -41.53
C ARG C 47 -10.43 31.10 -41.03
N GLY C 48 -9.81 30.25 -41.85
CA GLY C 48 -8.52 29.64 -41.51
C GLY C 48 -8.10 28.48 -42.42
N LYS C 49 -6.82 28.11 -42.35
CA LYS C 49 -6.30 26.91 -43.01
C LYS C 49 -6.06 25.82 -41.97
N SER C 50 -6.52 24.61 -42.25
CA SER C 50 -6.48 23.52 -41.28
C SER C 50 -5.16 23.42 -40.53
N GLY C 51 -5.25 23.29 -39.21
CA GLY C 51 -4.10 23.09 -38.36
C GLY C 51 -3.20 24.33 -38.31
N GLN C 52 -3.72 25.43 -38.84
CA GLN C 52 -2.94 26.67 -38.95
C GLN C 52 -3.60 27.85 -38.23
N GLY C 53 -4.80 27.63 -37.67
CA GLY C 53 -5.43 28.59 -36.80
C GLY C 53 -6.59 29.36 -37.40
N TYR C 54 -7.56 29.70 -36.56
CA TYR C 54 -8.68 30.54 -36.96
C TYR C 54 -8.35 32.03 -36.77
N TYR C 55 -8.75 32.86 -37.74
CA TYR C 55 -8.52 34.30 -37.67
C TYR C 55 -9.75 35.18 -37.96
N VAL C 56 -9.70 36.41 -37.44
CA VAL C 56 -10.77 37.38 -37.62
C VAL C 56 -10.18 38.63 -38.29
N GLU C 57 -11.01 39.38 -39.02
CA GLU C 57 -10.57 40.64 -39.63
C GLU C 57 -10.55 41.77 -38.61
N MET C 58 -9.47 42.55 -38.57
CA MET C 58 -9.43 43.74 -37.70
C MET C 58 -8.91 44.95 -38.48
N THR C 59 -9.30 46.13 -38.05
CA THR C 59 -8.74 47.33 -38.62
C THR C 59 -8.04 48.14 -37.53
N VAL C 60 -6.81 48.54 -37.79
CA VAL C 60 -6.06 49.35 -36.84
C VAL C 60 -5.57 50.64 -37.48
N GLY C 61 -5.57 51.73 -36.72
CA GLY C 61 -5.04 53.00 -37.18
C GLY C 61 -6.07 53.95 -37.80
N SER C 62 -5.63 55.18 -38.10
CA SER C 62 -6.47 56.12 -38.84
C SER C 62 -5.60 56.66 -39.97
N PRO C 63 -6.04 56.45 -41.23
CA PRO C 63 -7.27 55.71 -41.58
C PRO C 63 -7.11 54.21 -41.39
N PRO C 64 -8.23 53.48 -41.36
CA PRO C 64 -8.26 52.04 -41.04
C PRO C 64 -7.32 51.22 -41.89
N GLN C 65 -6.50 50.41 -41.24
CA GLN C 65 -5.68 49.43 -41.94
C GLN C 65 -6.21 48.02 -41.62
N THR C 66 -6.61 47.30 -42.65
CA THR C 66 -7.20 45.98 -42.49
C THR C 66 -6.16 44.87 -42.37
N LEU C 67 -6.35 43.99 -41.39
CA LEU C 67 -5.42 42.90 -41.11
C LEU C 67 -6.14 41.64 -40.64
N ASN C 68 -5.59 40.47 -40.97
CA ASN C 68 -6.13 39.20 -40.46
C ASN C 68 -5.44 38.78 -39.16
N ILE C 69 -6.24 38.44 -38.14
CA ILE C 69 -5.72 38.23 -36.80
C ILE C 69 -6.20 36.90 -36.18
N LEU C 70 -5.21 36.08 -35.81
CA LEU C 70 -5.44 34.78 -35.18
C LEU C 70 -6.14 34.93 -33.83
N VAL C 71 -7.27 34.26 -33.66
CA VAL C 71 -7.93 34.23 -32.36
C VAL C 71 -7.27 33.22 -31.41
N ASP C 72 -6.72 33.70 -30.30
CA ASP C 72 -5.92 32.84 -29.41
C ASP C 72 -6.31 33.04 -27.94
N THR C 73 -7.11 32.11 -27.41
CA THR C 73 -7.47 32.16 -26.01
C THR C 73 -6.30 31.69 -25.13
N GLY C 74 -5.19 31.32 -25.74
CA GLY C 74 -4.07 30.77 -25.00
C GLY C 74 -3.01 31.82 -24.70
N SER C 75 -3.29 33.06 -25.10
CA SER C 75 -2.35 34.16 -24.86
C SER C 75 -3.06 35.50 -24.55
N SER C 76 -2.28 36.53 -24.24
CA SER C 76 -2.86 37.81 -23.83
C SER C 76 -2.36 39.08 -24.55
N ASN C 77 -1.35 38.97 -25.41
CA ASN C 77 -0.90 40.14 -26.15
C ASN C 77 -1.64 40.31 -27.49
N PHE C 78 -2.02 41.55 -27.81
CA PHE C 78 -2.48 41.88 -29.15
C PHE C 78 -1.27 42.32 -29.95
N ALA C 79 -0.92 41.59 -31.01
CA ALA C 79 0.33 41.86 -31.70
C ALA C 79 0.17 41.75 -33.20
N VAL C 80 0.84 42.61 -33.93
CA VAL C 80 0.74 42.58 -35.39
C VAL C 80 2.09 42.81 -36.04
N GLY C 81 2.32 42.16 -37.17
CA GLY C 81 3.51 42.44 -37.96
C GLY C 81 3.48 43.88 -38.47
N ALA C 82 4.58 44.58 -38.29
CA ALA C 82 4.62 45.99 -38.65
C ALA C 82 5.89 46.26 -39.44
N ALA C 83 6.31 45.25 -40.18
CA ALA C 83 7.53 45.29 -40.98
C ALA C 83 7.47 44.15 -41.98
N PRO C 84 8.15 44.31 -43.12
CA PRO C 84 8.34 43.27 -44.15
C PRO C 84 8.89 41.94 -43.59
N HIS C 85 8.36 40.84 -44.13
CA HIS C 85 8.79 39.50 -43.77
C HIS C 85 8.56 38.68 -45.02
N PRO C 86 9.39 37.64 -45.23
CA PRO C 86 9.24 36.71 -46.35
C PRO C 86 7.80 36.22 -46.43
N PHE C 87 7.27 35.83 -45.27
CA PHE C 87 5.85 35.54 -45.12
C PHE C 87 5.15 36.90 -44.92
N LEU C 88 3.85 36.92 -44.66
CA LEU C 88 3.14 38.20 -44.54
C LEU C 88 2.77 38.86 -45.88
N HIS C 89 1.51 38.70 -46.27
CA HIS C 89 0.96 39.45 -47.39
C HIS C 89 1.12 40.94 -47.12
N ARG C 90 0.56 41.39 -46.00
CA ARG C 90 0.59 42.81 -45.62
C ARG C 90 1.09 43.01 -44.18
N TYR C 91 1.14 44.27 -43.75
CA TYR C 91 1.58 44.60 -42.40
C TYR C 91 1.08 45.97 -41.91
N TYR C 92 1.26 46.21 -40.63
CA TYR C 92 0.83 47.46 -40.00
C TYR C 92 1.87 48.55 -40.21
N GLN C 93 1.46 49.63 -40.86
CA GLN C 93 2.34 50.78 -41.12
C GLN C 93 2.00 51.88 -40.16
N ARG C 94 2.78 51.96 -39.08
CA ARG C 94 2.56 52.95 -38.03
C ARG C 94 2.60 54.39 -38.54
N GLN C 95 3.55 54.68 -39.43
CA GLN C 95 3.76 56.04 -39.95
C GLN C 95 2.54 56.55 -40.73
N LEU C 96 1.68 55.64 -41.19
CA LEU C 96 0.47 56.01 -41.92
C LEU C 96 -0.75 56.21 -41.02
N SER C 97 -0.59 55.96 -39.73
CA SER C 97 -1.70 56.19 -38.80
C SER C 97 -1.48 57.44 -37.98
N SER C 98 -2.52 58.26 -37.92
CA SER C 98 -2.48 59.54 -37.27
C SER C 98 -2.89 59.40 -35.80
N THR C 99 -3.53 58.30 -35.48
CA THR C 99 -3.91 58.05 -34.11
C THR C 99 -2.89 57.15 -33.42
N TYR C 100 -1.81 56.81 -34.10
CA TYR C 100 -0.81 55.97 -33.47
C TYR C 100 -0.07 56.73 -32.35
N ARG C 101 0.16 56.08 -31.22
CA ARG C 101 1.00 56.65 -30.16
C ARG C 101 2.05 55.63 -29.76
N ASP C 102 3.32 56.04 -29.80
CA ASP C 102 4.44 55.17 -29.48
C ASP C 102 4.58 55.10 -27.97
N LEU C 103 4.68 53.91 -27.39
CA LEU C 103 4.86 53.76 -25.95
C LEU C 103 6.31 53.79 -25.55
N ARG C 104 7.19 53.82 -26.53
CA ARG C 104 8.63 53.95 -26.29
C ARG C 104 9.21 52.82 -25.41
N LYS C 105 8.83 51.59 -25.73
CA LYS C 105 9.24 50.44 -24.94
C LYS C 105 9.15 49.15 -25.77
N GLY C 106 10.12 48.24 -25.57
CA GLY C 106 10.16 47.01 -26.35
C GLY C 106 9.40 45.88 -25.71
N VAL C 107 9.15 44.82 -26.47
CA VAL C 107 8.48 43.62 -25.93
C VAL C 107 8.95 42.35 -26.65
N TYR C 108 9.25 41.31 -25.87
CA TYR C 108 9.68 40.02 -26.39
C TYR C 108 8.75 38.93 -25.89
N VAL C 109 8.19 38.14 -26.80
CA VAL C 109 7.22 37.11 -26.44
C VAL C 109 7.51 35.74 -27.07
N PRO C 110 7.91 34.75 -26.24
CA PRO C 110 8.13 33.36 -26.71
C PRO C 110 6.86 32.50 -26.60
N TYR C 111 6.63 31.66 -27.60
CA TYR C 111 5.46 30.77 -27.60
C TYR C 111 5.87 29.29 -27.50
N THR C 112 4.89 28.40 -27.33
CA THR C 112 5.13 26.96 -27.44
C THR C 112 5.66 26.70 -28.83
N GLN C 113 5.00 27.30 -29.83
CA GLN C 113 5.48 27.34 -31.21
C GLN C 113 5.74 28.78 -31.67
N GLY C 114 7.01 29.21 -31.66
CA GLY C 114 7.40 30.50 -32.19
C GLY C 114 7.79 31.61 -31.21
N ALA C 115 8.40 32.67 -31.74
CA ALA C 115 8.87 33.85 -30.99
C ALA C 115 8.86 35.15 -31.84
N TRP C 116 8.61 36.30 -31.20
CA TRP C 116 8.74 37.61 -31.87
C TRP C 116 9.14 38.74 -30.94
N ALA C 117 9.78 39.76 -31.51
CA ALA C 117 10.09 40.99 -30.79
C ALA C 117 9.30 42.14 -31.42
N GLY C 118 8.99 43.13 -30.60
CA GLY C 118 8.19 44.22 -31.11
C GLY C 118 8.39 45.53 -30.38
N GLU C 119 7.63 46.53 -30.84
CA GLU C 119 7.61 47.83 -30.19
C GLU C 119 6.17 48.13 -29.73
N LEU C 120 6.01 48.45 -28.46
CA LEU C 120 4.67 48.72 -27.91
C LEU C 120 4.17 50.10 -28.28
N GLY C 121 2.89 50.18 -28.58
CA GLY C 121 2.25 51.44 -28.87
C GLY C 121 0.76 51.30 -28.62
N THR C 122 -0.01 52.30 -29.01
CA THR C 122 -1.46 52.21 -28.99
C THR C 122 -2.04 52.86 -30.23
N ASP C 123 -3.21 52.41 -30.62
CA ASP C 123 -3.90 52.97 -31.76
C ASP C 123 -5.37 52.63 -31.65
N LEU C 124 -6.19 53.20 -32.53
CA LEU C 124 -7.59 52.80 -32.64
C LEU C 124 -7.77 51.46 -33.36
N VAL C 125 -8.73 50.67 -32.89
CA VAL C 125 -8.91 49.30 -33.34
C VAL C 125 -10.39 48.97 -33.46
N SER C 126 -10.77 48.32 -34.55
CA SER C 126 -12.16 47.94 -34.81
C SER C 126 -12.22 46.51 -35.31
N ILE C 127 -13.37 45.86 -35.08
CA ILE C 127 -13.67 44.58 -35.71
C ILE C 127 -14.88 44.75 -36.63
N PRO C 128 -14.64 44.75 -37.96
CA PRO C 128 -15.69 45.00 -38.97
C PRO C 128 -16.91 44.13 -38.75
N HIS C 129 -16.72 42.82 -38.64
CA HIS C 129 -17.84 41.91 -38.42
C HIS C 129 -17.96 41.58 -36.95
N GLY C 130 -17.51 42.49 -36.11
CA GLY C 130 -17.67 42.37 -34.67
C GLY C 130 -18.70 43.36 -34.17
N PRO C 131 -18.65 43.70 -32.88
CA PRO C 131 -19.47 44.78 -32.36
C PRO C 131 -19.15 46.14 -32.99
N ASN C 132 -20.14 47.02 -32.96
CA ASN C 132 -20.02 48.33 -33.58
C ASN C 132 -19.35 49.34 -32.66
N VAL C 133 -18.04 49.18 -32.46
CA VAL C 133 -17.29 50.01 -31.54
C VAL C 133 -15.90 50.21 -32.10
N THR C 134 -15.29 51.33 -31.72
CA THR C 134 -13.87 51.48 -31.93
C THR C 134 -13.25 51.71 -30.57
N VAL C 135 -12.17 51.00 -30.28
CA VAL C 135 -11.46 51.21 -29.02
C VAL C 135 -9.97 51.53 -29.17
N ARG C 136 -9.44 52.18 -28.15
CA ARG C 136 -8.01 52.46 -28.08
C ARG C 136 -7.36 51.29 -27.35
N ALA C 137 -6.39 50.64 -27.96
CA ALA C 137 -5.83 49.47 -27.35
C ALA C 137 -4.33 49.44 -27.52
N ASN C 138 -3.68 48.71 -26.61
CA ASN C 138 -2.29 48.33 -26.72
C ASN C 138 -2.00 47.41 -27.89
N ILE C 139 -0.92 47.74 -28.60
CA ILE C 139 -0.53 46.96 -29.73
C ILE C 139 0.96 46.71 -29.70
N ALA C 140 1.36 45.47 -29.87
CA ALA C 140 2.77 45.20 -30.12
C ALA C 140 2.95 45.18 -31.62
N ALA C 141 3.88 46.00 -32.09
CA ALA C 141 4.25 46.06 -33.48
C ALA C 141 5.42 45.11 -33.67
N ILE C 142 5.15 43.98 -34.31
CA ILE C 142 6.14 42.94 -34.49
C ILE C 142 7.13 43.36 -35.56
N THR C 143 8.38 43.58 -35.14
CA THR C 143 9.42 44.03 -36.05
C THR C 143 10.41 42.91 -36.36
N GLU C 144 10.35 41.84 -35.59
CA GLU C 144 11.25 40.70 -35.76
C GLU C 144 10.59 39.42 -35.25
N SER C 145 10.71 38.35 -36.02
CA SER C 145 10.10 37.06 -35.67
C SER C 145 10.93 35.85 -36.12
N ASP C 146 10.74 34.73 -35.44
CA ASP C 146 11.43 33.48 -35.77
C ASP C 146 10.48 32.31 -35.62
N LYS C 147 10.10 31.74 -36.75
CA LYS C 147 9.18 30.60 -36.77
C LYS C 147 7.88 30.93 -36.03
N PHE C 148 7.42 32.17 -36.18
CA PHE C 148 6.13 32.56 -35.61
C PHE C 148 5.03 32.57 -36.66
N PHE C 149 5.23 33.35 -37.73
CA PHE C 149 4.27 33.39 -38.83
C PHE C 149 4.27 32.09 -39.63
N ILE C 150 3.11 31.41 -39.67
CA ILE C 150 2.93 30.17 -40.41
C ILE C 150 2.79 30.41 -41.92
N ASN C 151 3.76 29.95 -42.71
CA ASN C 151 3.72 30.16 -44.16
C ASN C 151 2.46 29.58 -44.82
N GLY C 152 1.58 30.47 -45.30
CA GLY C 152 0.35 30.08 -45.95
C GLY C 152 -0.92 30.19 -45.10
N SER C 153 -0.77 30.62 -43.86
CA SER C 153 -1.90 30.72 -42.93
C SER C 153 -2.84 31.88 -43.27
N ASN C 154 -2.29 32.96 -43.82
CA ASN C 154 -3.10 34.11 -44.20
C ASN C 154 -3.49 35.02 -43.03
N TRP C 155 -2.85 34.83 -41.87
CA TRP C 155 -2.99 35.80 -40.78
C TRP C 155 -1.71 36.58 -40.53
N GLU C 156 -1.88 37.87 -40.23
CA GLU C 156 -0.75 38.78 -40.06
C GLU C 156 -0.50 39.18 -38.59
N GLY C 157 -1.26 38.61 -37.67
CA GLY C 157 -1.15 38.98 -36.27
C GLY C 157 -1.94 38.09 -35.32
N ILE C 158 -1.80 38.36 -34.03
CA ILE C 158 -2.43 37.53 -33.00
C ILE C 158 -3.22 38.34 -31.96
N LEU C 159 -4.39 37.85 -31.58
CA LEU C 159 -5.23 38.52 -30.62
C LEU C 159 -5.39 37.66 -29.37
N GLY C 160 -4.50 37.86 -28.39
CA GLY C 160 -4.52 37.08 -27.16
C GLY C 160 -5.72 37.46 -26.28
N LEU C 161 -6.63 36.52 -26.09
CA LEU C 161 -7.88 36.80 -25.39
C LEU C 161 -7.88 36.39 -23.92
N ALA C 162 -6.78 35.80 -23.46
CA ALA C 162 -6.63 35.45 -22.05
C ALA C 162 -6.35 36.68 -21.18
N TYR C 163 -6.11 36.46 -19.90
CA TYR C 163 -6.02 37.55 -18.92
C TYR C 163 -4.65 38.23 -18.76
N ALA C 164 -4.68 39.41 -18.15
CA ALA C 164 -3.48 40.23 -17.96
C ALA C 164 -2.27 39.51 -17.39
N GLU C 165 -2.50 38.65 -16.40
CA GLU C 165 -1.41 37.96 -15.69
C GLU C 165 -0.32 37.35 -16.55
N ILE C 166 -0.67 36.84 -17.74
CA ILE C 166 0.31 36.23 -18.65
C ILE C 166 0.63 37.14 -19.85
N ALA C 167 0.29 38.42 -19.74
CA ALA C 167 0.70 39.39 -20.73
C ALA C 167 2.16 39.77 -20.56
N ARG C 168 2.79 40.10 -21.68
CA ARG C 168 4.17 40.54 -21.72
C ARG C 168 4.17 42.01 -22.12
N PRO C 169 5.13 42.78 -21.61
CA PRO C 169 6.20 42.31 -20.72
C PRO C 169 5.65 41.98 -19.34
N ASP C 170 4.51 42.55 -18.97
CA ASP C 170 3.91 42.18 -17.70
C ASP C 170 2.45 42.57 -17.64
N ASP C 171 1.83 42.28 -16.50
CA ASP C 171 0.37 42.39 -16.38
C ASP C 171 -0.18 43.81 -16.37
N SER C 172 0.69 44.81 -16.46
CA SER C 172 0.20 46.19 -16.50
C SER C 172 -0.15 46.58 -17.93
N LEU C 173 0.19 45.71 -18.87
CA LEU C 173 -0.24 45.92 -20.25
C LEU C 173 -1.62 45.31 -20.34
N GLU C 174 -2.63 46.16 -20.40
CA GLU C 174 -3.99 45.69 -20.45
C GLU C 174 -4.23 44.97 -21.76
N PRO C 175 -4.81 43.76 -21.70
CA PRO C 175 -5.18 43.03 -22.91
C PRO C 175 -6.36 43.67 -23.64
N PHE C 176 -6.48 43.33 -24.92
CA PHE C 176 -7.46 43.97 -25.80
C PHE C 176 -8.88 43.92 -25.29
N PHE C 177 -9.32 42.72 -24.92
CA PHE C 177 -10.70 42.52 -24.50
C PHE C 177 -11.00 43.24 -23.18
N ASP C 178 -10.02 43.26 -22.28
CA ASP C 178 -10.10 44.11 -21.09
C ASP C 178 -10.36 45.56 -21.48
N SER C 179 -9.53 46.09 -22.39
CA SER C 179 -9.77 47.45 -22.90
C SER C 179 -11.14 47.59 -23.57
N LEU C 180 -11.55 46.60 -24.37
CA LEU C 180 -12.83 46.70 -25.08
C LEU C 180 -14.02 46.86 -24.11
N VAL C 181 -14.04 46.03 -23.08
CA VAL C 181 -15.11 46.02 -22.08
C VAL C 181 -15.20 47.36 -21.31
N LYS C 182 -14.04 47.89 -20.93
CA LYS C 182 -13.98 49.14 -20.19
C LYS C 182 -14.40 50.34 -21.00
N GLN C 183 -14.07 50.37 -22.28
CA GLN C 183 -14.35 51.56 -23.09
C GLN C 183 -15.71 51.55 -23.71
N THR C 184 -16.41 50.43 -23.62
CA THR C 184 -17.73 50.33 -24.26
C THR C 184 -18.73 49.61 -23.38
N HIS C 185 -19.89 49.31 -23.97
CA HIS C 185 -20.94 48.63 -23.23
C HIS C 185 -21.06 47.15 -23.54
N VAL C 186 -20.19 46.67 -24.45
CA VAL C 186 -20.11 45.25 -24.77
C VAL C 186 -19.92 44.44 -23.49
N PRO C 187 -20.86 43.54 -23.18
CA PRO C 187 -20.75 42.77 -21.93
C PRO C 187 -19.45 41.99 -21.88
N ASN C 188 -19.01 41.63 -20.67
CA ASN C 188 -17.72 40.96 -20.48
C ASN C 188 -17.83 39.46 -20.73
N LEU C 189 -17.98 39.11 -22.00
CA LEU C 189 -18.27 37.73 -22.41
C LEU C 189 -18.08 37.55 -23.91
N PHE C 190 -17.35 36.51 -24.32
CA PHE C 190 -17.30 36.12 -25.73
C PHE C 190 -17.50 34.63 -25.93
N SER C 191 -17.90 34.23 -27.13
CA SER C 191 -18.08 32.82 -27.44
C SER C 191 -17.51 32.45 -28.80
N LEU C 192 -17.04 31.20 -28.88
CA LEU C 192 -16.40 30.68 -30.09
C LEU C 192 -17.06 29.40 -30.59
N GLN C 193 -17.35 29.39 -31.90
CA GLN C 193 -17.75 28.18 -32.57
C GLN C 193 -16.77 27.93 -33.69
N LEU C 194 -15.76 27.10 -33.41
CA LEU C 194 -14.84 26.66 -34.44
C LEU C 194 -15.32 25.39 -35.17
N CYS C 195 -15.49 25.49 -36.48
CA CYS C 195 -15.95 24.36 -37.29
C CYS C 195 -14.81 23.73 -38.10
N GLY C 196 -14.68 22.41 -38.02
CA GLY C 196 -13.66 21.72 -38.81
C GLY C 196 -14.00 21.71 -40.29
N VAL C 210 -13.23 26.00 -43.87
CA VAL C 210 -12.65 25.96 -42.52
C VAL C 210 -12.89 27.28 -41.77
N GLY C 211 -14.16 27.58 -41.51
CA GLY C 211 -14.54 28.82 -40.86
C GLY C 211 -15.11 28.64 -39.46
N GLY C 212 -15.92 29.59 -39.02
CA GLY C 212 -16.47 29.57 -37.69
C GLY C 212 -16.92 30.95 -37.25
N SER C 213 -17.36 31.08 -36.01
CA SER C 213 -17.87 32.35 -35.51
C SER C 213 -17.22 32.78 -34.20
N MET C 214 -16.87 34.07 -34.10
CA MET C 214 -16.57 34.67 -32.81
C MET C 214 -17.61 35.73 -32.44
N ILE C 215 -18.43 35.40 -31.45
CA ILE C 215 -19.50 36.30 -30.99
C ILE C 215 -19.00 37.07 -29.77
N ILE C 216 -18.85 38.39 -29.93
CA ILE C 216 -18.39 39.23 -28.84
C ILE C 216 -19.55 39.84 -28.11
N GLY C 217 -19.63 39.60 -26.80
CA GLY C 217 -20.59 40.29 -25.96
C GLY C 217 -21.87 39.55 -25.70
N GLY C 218 -21.98 38.35 -26.29
CA GLY C 218 -23.18 37.56 -26.09
C GLY C 218 -23.14 36.14 -26.63
N ILE C 219 -24.30 35.49 -26.55
CA ILE C 219 -24.49 34.08 -26.93
C ILE C 219 -25.54 33.97 -28.03
N ASP C 220 -25.16 33.39 -29.16
CA ASP C 220 -26.09 33.19 -30.26
C ASP C 220 -26.68 31.80 -30.13
N HIS C 221 -27.96 31.70 -29.85
CA HIS C 221 -28.59 30.40 -29.64
C HIS C 221 -28.66 29.46 -30.89
N SER C 222 -28.47 30.02 -32.08
CA SER C 222 -28.51 29.23 -33.31
C SER C 222 -27.21 28.47 -33.53
N LEU C 223 -26.24 28.72 -32.67
CA LEU C 223 -24.92 28.14 -32.86
C LEU C 223 -24.77 26.83 -32.10
N TYR C 224 -25.74 26.51 -31.27
CA TYR C 224 -25.64 25.27 -30.51
C TYR C 224 -26.99 24.62 -30.24
N THR C 225 -26.98 23.34 -29.96
CA THR C 225 -28.21 22.63 -29.64
C THR C 225 -28.06 22.04 -28.24
N GLY C 226 -29.19 21.80 -27.58
CA GLY C 226 -29.15 21.21 -26.26
C GLY C 226 -28.82 22.30 -25.26
N SER C 227 -28.30 21.89 -24.11
CA SER C 227 -28.08 22.82 -23.02
C SER C 227 -26.61 23.21 -22.83
N LEU C 228 -26.38 24.47 -22.43
CA LEU C 228 -25.05 24.93 -21.98
C LEU C 228 -24.68 24.49 -20.55
N TRP C 229 -23.57 23.77 -20.41
CA TRP C 229 -23.03 23.46 -19.10
C TRP C 229 -21.76 24.26 -18.75
N TYR C 230 -21.67 24.73 -17.51
CA TYR C 230 -20.61 25.66 -17.11
C TYR C 230 -19.62 25.02 -16.15
N THR C 231 -18.33 25.19 -16.45
CA THR C 231 -17.28 24.80 -15.53
C THR C 231 -16.64 26.10 -14.97
N PRO C 232 -16.20 26.10 -13.70
CA PRO C 232 -15.54 27.30 -13.16
C PRO C 232 -14.19 27.55 -13.81
N ILE C 233 -13.86 28.81 -14.05
CA ILE C 233 -12.50 29.19 -14.42
C ILE C 233 -11.70 29.19 -13.11
N ARG C 234 -10.71 28.32 -12.99
CA ARG C 234 -10.04 28.14 -11.71
C ARG C 234 -9.31 29.41 -11.27
N ARG C 235 -8.52 29.96 -12.18
CA ARG C 235 -7.78 31.18 -11.90
C ARG C 235 -7.67 31.96 -13.21
N GLU C 236 -7.86 33.28 -13.14
CA GLU C 236 -7.86 34.13 -14.32
C GLU C 236 -6.45 34.48 -14.78
N TRP C 237 -5.83 33.59 -15.53
CA TRP C 237 -4.58 33.91 -16.21
C TRP C 237 -4.72 33.35 -17.60
N TYR C 238 -4.46 32.05 -17.73
CA TYR C 238 -5.04 31.28 -18.81
C TYR C 238 -6.49 31.05 -18.46
N TYR C 239 -7.22 30.51 -19.41
CA TYR C 239 -8.55 30.02 -19.14
C TYR C 239 -8.41 28.62 -18.56
N GLU C 240 -8.12 28.56 -17.26
CA GLU C 240 -7.80 27.29 -16.62
C GLU C 240 -9.05 26.60 -16.05
N VAL C 241 -9.20 25.31 -16.38
CA VAL C 241 -10.32 24.50 -15.90
C VAL C 241 -9.85 23.25 -15.17
N ILE C 242 -10.76 22.60 -14.44
CA ILE C 242 -10.47 21.30 -13.83
C ILE C 242 -11.18 20.09 -14.48
N ILE C 243 -10.38 19.13 -14.93
CA ILE C 243 -10.84 17.85 -15.45
C ILE C 243 -10.86 16.79 -14.33
N VAL C 244 -12.01 16.16 -14.12
CA VAL C 244 -12.16 15.21 -13.01
C VAL C 244 -12.12 13.73 -13.45
N ARG C 245 -12.39 13.44 -14.71
CA ARG C 245 -12.48 12.04 -15.15
C ARG C 245 -12.32 11.94 -16.66
N VAL C 246 -11.60 10.91 -17.12
CA VAL C 246 -11.41 10.70 -18.55
C VAL C 246 -11.89 9.32 -18.96
N GLU C 247 -12.63 9.26 -20.07
CA GLU C 247 -13.18 8.00 -20.56
C GLU C 247 -12.93 7.78 -22.05
N ILE C 248 -12.54 6.57 -22.40
CA ILE C 248 -12.41 6.18 -23.79
C ILE C 248 -13.53 5.16 -24.03
N ASN C 249 -14.46 5.49 -24.93
CA ASN C 249 -15.63 4.64 -25.16
C ASN C 249 -16.28 4.18 -23.87
N GLY C 250 -16.43 5.13 -22.94
CA GLY C 250 -17.10 4.90 -21.68
C GLY C 250 -16.19 4.23 -20.67
N GLN C 251 -15.01 3.80 -21.11
CA GLN C 251 -14.11 3.07 -20.19
C GLN C 251 -13.15 4.01 -19.46
N ASP C 252 -13.29 4.06 -18.14
CA ASP C 252 -12.47 4.92 -17.31
C ASP C 252 -10.97 4.70 -17.49
N LEU C 253 -10.24 5.80 -17.68
CA LEU C 253 -8.80 5.72 -17.76
C LEU C 253 -8.20 5.43 -16.37
N LYS C 254 -9.01 5.63 -15.34
CA LYS C 254 -8.70 5.20 -13.99
C LYS C 254 -7.34 5.70 -13.47
N MET C 255 -7.01 6.96 -13.78
CA MET C 255 -5.82 7.61 -13.24
C MET C 255 -6.20 8.52 -12.09
N ASP C 256 -5.25 8.81 -11.20
CA ASP C 256 -5.50 9.80 -10.16
C ASP C 256 -5.75 11.15 -10.85
N CYS C 257 -6.83 11.81 -10.46
CA CYS C 257 -7.32 12.94 -11.23
C CYS C 257 -6.36 14.13 -11.26
N LYS C 258 -5.41 14.17 -10.33
CA LYS C 258 -4.37 15.19 -10.35
C LYS C 258 -3.50 15.10 -11.62
N GLU C 259 -3.26 13.89 -12.10
CA GLU C 259 -2.53 13.65 -13.34
C GLU C 259 -3.18 14.32 -14.54
N TYR C 260 -4.50 14.49 -14.49
CA TYR C 260 -5.24 15.03 -15.62
C TYR C 260 -5.01 16.51 -15.74
N ASN C 261 -4.68 17.14 -14.62
CA ASN C 261 -4.47 18.58 -14.61
C ASN C 261 -3.08 18.90 -14.16
N TYR C 262 -2.13 18.03 -14.50
CA TYR C 262 -0.77 18.16 -13.98
C TYR C 262 -0.03 19.29 -14.65
N ASP C 263 0.30 20.28 -13.81
CA ASP C 263 0.65 21.64 -14.17
C ASP C 263 -0.64 22.45 -14.24
N LYS C 264 -1.39 22.23 -15.31
CA LYS C 264 -2.66 22.94 -15.50
C LYS C 264 -3.49 22.31 -16.63
N SER C 265 -4.77 22.67 -16.69
CA SER C 265 -5.59 22.34 -17.85
C SER C 265 -6.23 23.62 -18.35
N ILE C 266 -6.05 23.91 -19.63
CA ILE C 266 -6.58 25.16 -20.17
C ILE C 266 -7.31 24.95 -21.48
N VAL C 267 -8.15 25.91 -21.85
CA VAL C 267 -8.81 25.94 -23.14
C VAL C 267 -8.12 26.96 -24.04
N ASP C 268 -7.52 26.48 -25.12
CA ASP C 268 -6.64 27.31 -25.94
C ASP C 268 -6.91 27.21 -27.45
N SER C 269 -7.67 28.16 -27.97
CA SER C 269 -8.00 28.17 -29.40
C SER C 269 -6.77 28.33 -30.31
N GLY C 270 -5.64 28.71 -29.74
CA GLY C 270 -4.42 28.85 -30.51
C GLY C 270 -3.66 27.56 -30.76
N THR C 271 -4.06 26.48 -30.07
CA THR C 271 -3.43 25.16 -30.25
C THR C 271 -4.31 24.19 -31.08
N THR C 272 -3.71 23.45 -32.00
CA THR C 272 -4.49 22.57 -32.88
C THR C 272 -4.99 21.34 -32.15
N ASN C 273 -4.07 20.71 -31.42
CA ASN C 273 -4.27 19.39 -30.82
C ASN C 273 -4.93 19.36 -29.45
N LEU C 274 -5.52 18.21 -29.12
CA LEU C 274 -5.72 17.90 -27.72
C LEU C 274 -4.35 17.45 -27.16
N ARG C 275 -3.79 18.21 -26.24
CA ARG C 275 -2.48 17.85 -25.68
C ARG C 275 -2.62 17.35 -24.24
N LEU C 276 -2.00 16.22 -23.92
CA LEU C 276 -2.16 15.64 -22.58
C LEU C 276 -0.82 15.36 -21.94
N PRO C 277 -0.75 15.49 -20.60
CA PRO C 277 0.48 15.14 -19.87
C PRO C 277 0.93 13.73 -20.24
N LYS C 278 2.25 13.49 -20.20
CA LYS C 278 2.85 12.21 -20.60
C LYS C 278 2.11 10.95 -20.08
N LYS C 279 1.98 10.83 -18.78
CA LYS C 279 1.32 9.67 -18.19
C LYS C 279 -0.07 9.48 -18.78
N VAL C 280 -0.81 10.58 -18.90
CA VAL C 280 -2.18 10.56 -19.42
C VAL C 280 -2.21 10.14 -20.88
N PHE C 281 -1.35 10.75 -21.68
CA PHE C 281 -1.23 10.46 -23.09
C PHE C 281 -0.96 8.97 -23.35
N GLU C 282 -0.04 8.40 -22.58
CA GLU C 282 0.29 7.00 -22.74
C GLU C 282 -0.93 6.10 -22.46
N ALA C 283 -1.59 6.33 -21.33
CA ALA C 283 -2.78 5.57 -20.99
C ALA C 283 -3.87 5.71 -22.07
N ALA C 284 -4.08 6.93 -22.54
CA ALA C 284 -5.10 7.21 -23.56
C ALA C 284 -4.86 6.48 -24.87
N VAL C 285 -3.63 6.56 -25.38
CA VAL C 285 -3.27 5.94 -26.65
C VAL C 285 -3.37 4.40 -26.60
N LYS C 286 -2.91 3.80 -25.49
CA LYS C 286 -3.08 2.37 -25.28
C LYS C 286 -4.56 2.03 -25.39
N SER C 287 -5.37 2.83 -24.72
CA SER C 287 -6.80 2.60 -24.72
C SER C 287 -7.38 2.75 -26.11
N ILE C 288 -6.99 3.82 -26.79
CA ILE C 288 -7.57 4.10 -28.10
C ILE C 288 -7.13 3.03 -29.09
N LYS C 289 -5.90 2.55 -28.93
CA LYS C 289 -5.39 1.47 -29.77
C LYS C 289 -6.19 0.18 -29.58
N ALA C 290 -6.25 -0.29 -28.34
CA ALA C 290 -7.10 -1.42 -27.99
C ALA C 290 -8.51 -1.33 -28.60
N ALA C 291 -9.13 -0.16 -28.52
CA ALA C 291 -10.47 0.02 -29.03
C ALA C 291 -10.53 0.09 -30.56
N SER C 292 -9.41 0.29 -31.22
CA SER C 292 -9.44 0.36 -32.67
C SER C 292 -8.67 -0.80 -33.31
N SER C 293 -8.46 -1.87 -32.53
CA SER C 293 -7.65 -3.02 -32.91
C SER C 293 -8.06 -3.72 -34.21
N THR C 294 -9.29 -3.54 -34.66
CA THR C 294 -9.70 -4.23 -35.89
C THR C 294 -8.99 -3.69 -37.13
N GLU C 295 -8.24 -2.60 -36.97
CA GLU C 295 -7.41 -2.11 -38.05
C GLU C 295 -5.97 -1.93 -37.59
N LYS C 296 -5.04 -2.21 -38.51
CA LYS C 296 -3.61 -2.08 -38.24
C LYS C 296 -3.17 -0.65 -38.53
N PHE C 297 -2.38 -0.08 -37.63
CA PHE C 297 -1.87 1.28 -37.82
C PHE C 297 -0.35 1.35 -37.66
N PRO C 298 0.33 1.91 -38.69
CA PRO C 298 1.79 2.16 -38.65
C PRO C 298 2.13 2.93 -37.37
N ASP C 299 2.93 2.35 -36.49
CA ASP C 299 3.10 2.83 -35.11
C ASP C 299 3.44 4.32 -34.97
N GLY C 300 4.00 4.89 -36.05
CA GLY C 300 4.30 6.31 -36.11
C GLY C 300 3.07 7.17 -36.39
N PHE C 301 1.91 6.53 -36.52
CA PHE C 301 0.64 7.23 -36.69
C PHE C 301 0.22 7.80 -35.33
N TRP C 302 0.39 6.99 -34.30
CA TRP C 302 0.02 7.40 -32.95
C TRP C 302 0.93 8.51 -32.43
N LEU C 303 2.02 8.77 -33.15
CA LEU C 303 2.97 9.80 -32.69
C LEU C 303 2.87 11.07 -33.53
N GLY C 304 1.99 11.05 -34.51
CA GLY C 304 1.70 12.24 -35.29
C GLY C 304 2.40 12.25 -36.64
N GLU C 305 3.40 11.41 -36.81
CA GLU C 305 4.19 11.38 -38.05
C GLU C 305 3.40 10.88 -39.28
N GLN C 306 3.05 9.60 -39.31
CA GLN C 306 2.48 9.03 -40.55
C GLN C 306 0.97 9.24 -40.63
N LEU C 307 0.44 9.10 -41.85
CA LEU C 307 -0.99 9.27 -42.07
C LEU C 307 -1.64 7.91 -42.19
N VAL C 308 -2.97 7.88 -42.08
CA VAL C 308 -3.75 6.70 -42.45
C VAL C 308 -4.76 7.12 -43.51
N CYS C 309 -5.07 6.20 -44.42
CA CYS C 309 -5.89 6.52 -45.57
C CYS C 309 -6.96 5.49 -45.83
N TRP C 310 -8.12 5.96 -46.28
CA TRP C 310 -9.19 5.11 -46.75
C TRP C 310 -9.71 5.65 -48.07
N GLN C 311 -10.28 4.75 -48.87
CA GLN C 311 -10.93 5.14 -50.11
C GLN C 311 -11.98 6.15 -49.74
N ALA C 312 -11.89 7.34 -50.34
CA ALA C 312 -12.79 8.44 -49.98
C ALA C 312 -14.21 7.94 -49.75
N GLY C 313 -14.88 8.49 -48.73
CA GLY C 313 -16.24 8.13 -48.42
C GLY C 313 -16.42 6.92 -47.51
N THR C 314 -15.35 6.18 -47.27
CA THR C 314 -15.48 4.92 -46.53
C THR C 314 -14.64 4.84 -45.25
N THR C 315 -14.26 5.99 -44.69
CA THR C 315 -13.59 6.02 -43.40
C THR C 315 -14.41 5.31 -42.33
N PRO C 316 -13.81 4.31 -41.69
CA PRO C 316 -14.51 3.47 -40.71
C PRO C 316 -14.53 4.14 -39.34
N TRP C 317 -15.16 5.29 -39.29
CA TRP C 317 -15.27 6.09 -38.07
C TRP C 317 -15.70 5.26 -36.86
N ASN C 318 -16.58 4.31 -37.11
CA ASN C 318 -17.27 3.65 -36.01
C ASN C 318 -16.32 2.77 -35.23
N ILE C 319 -15.17 2.45 -35.81
CA ILE C 319 -14.27 1.54 -35.12
C ILE C 319 -13.44 2.29 -34.09
N PHE C 320 -13.35 3.61 -34.26
CA PHE C 320 -12.65 4.47 -33.32
C PHE C 320 -13.58 4.91 -32.22
N PRO C 321 -13.06 4.92 -31.00
CA PRO C 321 -13.75 5.30 -29.77
C PRO C 321 -14.00 6.81 -29.64
N VAL C 322 -15.05 7.16 -28.89
CA VAL C 322 -15.27 8.52 -28.43
C VAL C 322 -14.42 8.82 -27.19
N ILE C 323 -14.05 10.09 -27.06
CA ILE C 323 -13.27 10.54 -25.92
C ILE C 323 -14.08 11.51 -25.09
N SER C 324 -14.04 11.28 -23.79
CA SER C 324 -14.93 11.94 -22.86
C SER C 324 -14.18 12.56 -21.72
N LEU C 325 -14.31 13.87 -21.62
CA LEU C 325 -13.71 14.61 -20.52
C LEU C 325 -14.81 15.06 -19.56
N TYR C 326 -14.59 14.79 -18.28
CA TYR C 326 -15.44 15.26 -17.23
C TYR C 326 -14.88 16.57 -16.63
N LEU C 327 -15.70 17.61 -16.61
CA LEU C 327 -15.30 18.92 -16.06
C LEU C 327 -16.04 19.20 -14.78
N MET C 328 -15.34 19.81 -13.82
CA MET C 328 -15.97 20.24 -12.59
C MET C 328 -17.17 21.13 -12.92
N GLY C 329 -18.27 20.93 -12.22
CA GLY C 329 -19.43 21.77 -12.39
C GLY C 329 -19.48 22.96 -11.43
N GLU C 330 -20.53 23.75 -11.55
CA GLU C 330 -20.66 24.95 -10.72
C GLU C 330 -21.19 24.61 -9.33
N VAL C 331 -22.07 23.62 -9.26
CA VAL C 331 -22.55 23.10 -7.99
C VAL C 331 -21.52 22.14 -7.41
N THR C 332 -21.36 22.17 -6.10
CA THR C 332 -20.35 21.35 -5.44
C THR C 332 -20.60 19.84 -5.62
N ASN C 333 -19.53 19.07 -5.84
CA ASN C 333 -19.61 17.61 -5.97
C ASN C 333 -20.27 17.13 -7.28
N GLN C 334 -20.57 18.08 -8.14
CA GLN C 334 -21.31 17.82 -9.36
C GLN C 334 -20.41 18.10 -10.58
N SER C 335 -20.45 17.22 -11.57
CA SER C 335 -19.66 17.40 -12.78
C SER C 335 -20.51 17.21 -14.02
N PHE C 336 -19.92 17.44 -15.18
CA PHE C 336 -20.57 17.14 -16.46
C PHE C 336 -19.48 16.66 -17.40
N ARG C 337 -19.86 15.95 -18.46
CA ARG C 337 -18.85 15.51 -19.41
C ARG C 337 -19.09 16.04 -20.83
N ILE C 338 -17.99 16.31 -21.53
CA ILE C 338 -18.03 16.59 -22.95
C ILE C 338 -17.44 15.39 -23.68
N THR C 339 -17.96 15.11 -24.87
CA THR C 339 -17.57 13.93 -25.63
C THR C 339 -17.27 14.29 -27.08
N ILE C 340 -16.09 13.90 -27.55
CA ILE C 340 -15.73 14.18 -28.94
C ILE C 340 -15.57 12.90 -29.72
N LEU C 341 -15.77 13.02 -31.04
CA LEU C 341 -15.71 11.89 -31.93
C LEU C 341 -14.34 11.75 -32.56
N PRO C 342 -14.10 10.63 -33.25
CA PRO C 342 -12.87 10.55 -34.03
C PRO C 342 -12.90 11.57 -35.18
N GLN C 343 -14.06 12.11 -35.49
CA GLN C 343 -14.11 13.16 -36.50
C GLN C 343 -13.40 14.44 -36.01
N GLN C 344 -13.10 14.47 -34.71
CA GLN C 344 -12.40 15.60 -34.10
C GLN C 344 -10.90 15.36 -33.89
N TYR C 345 -10.51 14.21 -33.33
CA TYR C 345 -9.09 13.95 -33.06
C TYR C 345 -8.35 13.33 -34.24
N LEU C 346 -9.02 13.27 -35.37
CA LEU C 346 -8.40 12.80 -36.59
C LEU C 346 -8.49 13.90 -37.62
N ARG C 347 -7.34 14.53 -37.88
CA ARG C 347 -7.30 15.76 -38.67
C ARG C 347 -7.04 15.44 -40.14
N PRO C 348 -8.00 15.81 -41.01
CA PRO C 348 -7.87 15.72 -42.47
C PRO C 348 -6.62 16.44 -42.97
N VAL C 349 -5.90 15.80 -43.89
CA VAL C 349 -4.79 16.44 -44.61
C VAL C 349 -5.13 16.48 -46.09
N GLU C 350 -4.72 17.53 -46.79
CA GLU C 350 -5.06 17.69 -48.20
C GLU C 350 -3.89 17.40 -49.13
N GLN C 356 -7.58 11.03 -54.52
CA GLN C 356 -8.67 10.05 -54.67
C GLN C 356 -9.04 9.35 -53.35
N ASP C 357 -8.25 9.58 -52.31
CA ASP C 357 -8.52 8.99 -50.99
C ASP C 357 -8.66 10.05 -49.89
N ASP C 358 -9.22 9.65 -48.77
CA ASP C 358 -9.25 10.52 -47.59
C ASP C 358 -8.16 10.14 -46.62
N CYS C 359 -7.30 11.11 -46.29
CA CYS C 359 -6.19 10.85 -45.41
C CYS C 359 -6.30 11.69 -44.14
N TYR C 360 -5.79 11.16 -43.03
CA TYR C 360 -5.92 11.84 -41.74
C TYR C 360 -4.66 11.79 -40.90
N LYS C 361 -4.50 12.77 -40.03
CA LYS C 361 -3.44 12.78 -39.03
C LYS C 361 -4.05 12.70 -37.61
N PHE C 362 -3.36 11.99 -36.71
CA PHE C 362 -3.80 11.85 -35.32
C PHE C 362 -3.50 13.12 -34.51
N ALA C 363 -4.53 13.79 -34.02
CA ALA C 363 -4.42 15.13 -33.47
C ALA C 363 -4.40 15.20 -31.94
N ILE C 364 -3.95 14.13 -31.30
CA ILE C 364 -3.78 14.10 -29.85
C ILE C 364 -2.31 13.85 -29.56
N SER C 365 -1.69 14.75 -28.79
CA SER C 365 -0.25 14.68 -28.57
C SER C 365 0.14 14.89 -27.11
N GLN C 366 1.42 14.68 -26.80
CA GLN C 366 1.86 14.90 -25.42
C GLN C 366 2.36 16.30 -25.15
N SER C 367 2.40 16.64 -23.86
CA SER C 367 2.69 17.97 -23.42
C SER C 367 3.38 17.92 -22.07
N SER C 368 4.27 18.88 -21.82
CA SER C 368 4.92 19.00 -20.53
C SER C 368 4.37 20.22 -19.81
N THR C 369 3.38 20.85 -20.42
CA THR C 369 2.76 22.04 -19.87
C THR C 369 1.29 21.80 -19.43
N GLY C 370 0.93 20.54 -19.20
CA GLY C 370 -0.42 20.23 -18.77
C GLY C 370 -1.35 19.97 -19.93
N THR C 371 -2.63 19.79 -19.64
CA THR C 371 -3.61 19.56 -20.68
C THR C 371 -3.90 20.84 -21.45
N VAL C 372 -3.98 20.71 -22.77
CA VAL C 372 -4.38 21.82 -23.60
C VAL C 372 -5.56 21.33 -24.42
N MET C 373 -6.73 21.89 -24.14
CA MET C 373 -7.92 21.61 -24.90
C MET C 373 -7.94 22.48 -26.16
N GLY C 374 -7.18 22.04 -27.16
CA GLY C 374 -7.05 22.77 -28.40
C GLY C 374 -8.28 22.76 -29.29
N ALA C 375 -8.07 23.07 -30.55
CA ALA C 375 -9.14 23.05 -31.55
C ALA C 375 -9.75 21.65 -31.70
N VAL C 376 -8.97 20.60 -31.47
CA VAL C 376 -9.54 19.27 -31.47
C VAL C 376 -10.78 19.17 -30.57
N ILE C 377 -10.72 19.77 -29.39
CA ILE C 377 -11.85 19.74 -28.45
C ILE C 377 -12.91 20.77 -28.83
N MET C 378 -12.46 21.97 -29.15
CA MET C 378 -13.34 23.09 -29.43
C MET C 378 -14.18 22.92 -30.68
N GLU C 379 -13.62 22.28 -31.70
CA GLU C 379 -14.37 22.02 -32.92
C GLU C 379 -15.57 21.08 -32.75
N GLY C 380 -15.81 20.63 -31.53
CA GLY C 380 -17.02 19.88 -31.25
C GLY C 380 -18.06 20.70 -30.49
N PHE C 381 -17.63 21.82 -29.94
CA PHE C 381 -18.51 22.53 -29.05
C PHE C 381 -18.68 24.02 -29.34
N TYR C 382 -19.82 24.56 -28.94
CA TYR C 382 -19.96 25.99 -28.79
C TYR C 382 -19.40 26.33 -27.41
N VAL C 383 -18.36 27.16 -27.39
CA VAL C 383 -17.63 27.43 -26.17
C VAL C 383 -17.82 28.87 -25.72
N VAL C 384 -18.33 29.03 -24.52
CA VAL C 384 -18.70 30.34 -24.02
C VAL C 384 -17.73 30.73 -22.93
N PHE C 385 -16.97 31.79 -23.21
CA PHE C 385 -16.04 32.36 -22.25
C PHE C 385 -16.71 33.47 -21.49
N ASP C 386 -17.40 33.09 -20.42
CA ASP C 386 -18.19 34.01 -19.63
C ASP C 386 -17.33 34.66 -18.52
N ARG C 387 -16.45 35.58 -18.91
CA ARG C 387 -15.60 36.31 -17.99
C ARG C 387 -16.35 36.99 -16.84
N ALA C 388 -17.47 37.65 -17.17
CA ALA C 388 -18.33 38.25 -16.16
C ALA C 388 -18.59 37.33 -14.97
N ARG C 389 -18.91 36.06 -15.22
CA ARG C 389 -19.17 35.15 -14.10
C ARG C 389 -18.09 34.10 -13.85
N LYS C 390 -16.86 34.40 -14.26
CA LYS C 390 -15.72 33.50 -14.06
C LYS C 390 -16.03 32.04 -14.38
N ARG C 391 -16.45 31.77 -15.61
CA ARG C 391 -16.84 30.42 -15.98
C ARG C 391 -16.87 30.22 -17.48
N ILE C 392 -16.85 28.95 -17.89
CA ILE C 392 -16.86 28.58 -19.30
C ILE C 392 -17.95 27.59 -19.66
N GLY C 393 -18.72 27.96 -20.67
CA GLY C 393 -19.84 27.17 -21.11
C GLY C 393 -19.47 26.25 -22.26
N PHE C 394 -20.02 25.05 -22.20
CA PHE C 394 -19.89 24.10 -23.31
C PHE C 394 -21.28 23.64 -23.72
N ALA C 395 -21.50 23.62 -25.04
CA ALA C 395 -22.71 23.02 -25.56
C ALA C 395 -22.37 22.36 -26.89
N VAL C 396 -23.18 21.38 -27.28
CA VAL C 396 -22.98 20.70 -28.57
C VAL C 396 -23.07 21.67 -29.74
N SER C 397 -22.08 21.64 -30.62
CA SER C 397 -22.01 22.60 -31.71
C SER C 397 -22.96 22.24 -32.87
N ALA C 398 -23.80 23.19 -33.25
CA ALA C 398 -24.67 23.07 -34.43
C ALA C 398 -23.91 22.81 -35.75
N CYS C 399 -22.59 22.95 -35.74
CA CYS C 399 -21.83 22.81 -36.97
C CYS C 399 -20.76 21.71 -36.87
N HIS C 400 -20.75 20.96 -35.77
CA HIS C 400 -19.70 19.95 -35.62
C HIS C 400 -19.86 18.79 -36.62
N VAL C 401 -18.71 18.20 -36.97
CA VAL C 401 -18.62 17.13 -37.95
C VAL C 401 -18.88 15.80 -37.28
N HIS C 402 -19.79 15.02 -37.86
CA HIS C 402 -20.10 13.71 -37.31
C HIS C 402 -20.81 12.86 -38.36
N ASP C 403 -21.16 11.63 -37.99
CA ASP C 403 -21.89 10.72 -38.89
C ASP C 403 -23.34 10.52 -38.46
N GLU C 404 -24.06 9.65 -39.17
CA GLU C 404 -25.46 9.39 -38.85
C GLU C 404 -25.61 8.73 -37.49
N PHE C 405 -24.57 8.02 -37.04
CA PHE C 405 -24.75 7.16 -35.87
C PHE C 405 -24.31 7.73 -34.54
N ARG C 406 -23.38 8.68 -34.59
CA ARG C 406 -22.82 9.24 -33.38
C ARG C 406 -22.73 10.73 -33.58
N THR C 407 -22.85 11.45 -32.47
CA THR C 407 -22.79 12.89 -32.44
C THR C 407 -21.97 13.28 -31.21
N ALA C 408 -21.29 14.42 -31.28
CA ALA C 408 -20.60 14.95 -30.10
C ALA C 408 -21.66 15.23 -29.02
N ALA C 409 -21.22 15.37 -27.77
CA ALA C 409 -22.17 15.43 -26.68
C ALA C 409 -21.71 16.19 -25.42
N VAL C 410 -22.68 16.81 -24.77
CA VAL C 410 -22.49 17.45 -23.47
C VAL C 410 -23.63 17.03 -22.54
N GLU C 411 -23.29 16.31 -21.47
CA GLU C 411 -24.27 15.63 -20.66
C GLU C 411 -23.90 15.83 -19.19
N GLY C 412 -24.94 15.90 -18.35
CA GLY C 412 -24.78 16.00 -16.91
C GLY C 412 -26.12 16.05 -16.22
N PRO C 413 -26.13 16.07 -14.90
CA PRO C 413 -24.91 16.14 -14.09
C PRO C 413 -24.51 14.77 -13.54
N PHE C 414 -23.30 14.70 -13.00
CA PHE C 414 -22.81 13.47 -12.42
C PHE C 414 -22.27 13.80 -11.04
N VAL C 415 -22.52 12.92 -10.08
CA VAL C 415 -21.97 13.13 -8.77
C VAL C 415 -20.54 12.67 -8.77
N THR C 416 -19.65 13.57 -8.39
CA THR C 416 -18.23 13.26 -8.22
C THR C 416 -17.84 13.51 -6.78
N LEU C 417 -17.26 12.50 -6.14
CA LEU C 417 -16.90 12.59 -4.71
C LEU C 417 -15.91 13.72 -4.40
N ASP C 418 -14.73 13.73 -5.04
CA ASP C 418 -13.71 14.72 -4.69
C ASP C 418 -13.15 15.49 -5.88
N MET C 419 -13.87 16.54 -6.26
CA MET C 419 -13.49 17.37 -7.41
C MET C 419 -12.49 18.47 -7.08
N GLU C 420 -12.53 18.99 -5.86
CA GLU C 420 -11.66 20.09 -5.47
C GLU C 420 -10.21 19.64 -5.29
N ASP C 421 -10.03 18.34 -5.02
CA ASP C 421 -8.70 17.78 -4.86
C ASP C 421 -7.94 17.63 -6.18
N CYS C 422 -8.62 17.81 -7.30
CA CYS C 422 -8.04 17.51 -8.62
C CYS C 422 -7.09 18.56 -9.17
N GLY C 423 -7.13 19.76 -8.60
CA GLY C 423 -6.27 20.84 -9.06
C GLY C 423 -4.84 20.76 -8.53
N TYR C 424 -3.89 21.10 -9.41
CA TYR C 424 -2.47 21.17 -9.07
C TYR C 424 -2.11 22.45 -8.31
N ASN C 425 -1.28 22.34 -7.27
CA ASN C 425 -0.84 23.50 -6.53
C ASN C 425 0.67 23.73 -6.57
S SO4 D . -21.18 -30.10 28.30
O1 SO4 D . -22.11 -30.99 27.59
O2 SO4 D . -21.88 -29.34 29.36
O3 SO4 D . -20.12 -30.92 28.89
O4 SO4 D . -20.57 -29.16 27.36
CL CL E . -2.79 22.20 23.22
S SO4 F . 12.38 59.43 -26.75
O1 SO4 F . 11.86 59.76 -28.09
O2 SO4 F . 11.42 59.90 -25.75
O3 SO4 F . 12.51 57.98 -26.60
O4 SO4 F . 13.70 60.07 -26.56
S SO4 G . -27.22 30.60 -15.49
O1 SO4 G . -27.37 31.15 -16.84
O2 SO4 G . -28.21 31.15 -14.55
O3 SO4 G . -27.31 29.13 -15.54
O4 SO4 G . -25.89 30.95 -14.98
#